data_1QF6
#
_entry.id   1QF6
#
_cell.length_a   162.670
_cell.length_b   162.670
_cell.length_c   128.570
_cell.angle_alpha   90.00
_cell.angle_beta   90.00
_cell.angle_gamma   120.00
#
_symmetry.space_group_name_H-M   'P 31 2 1'
#
loop_
_entity.id
_entity.type
_entity.pdbx_description
1 polymer 'THREONINE TRNA'
2 polymer 'THREONYL-TRNA SYNTHETASE'
3 non-polymer 'ZINC ION'
4 non-polymer 'ADENOSINE MONOPHOSPHATE'
5 water water
#
loop_
_entity_poly.entity_id
_entity_poly.type
_entity_poly.pdbx_seq_one_letter_code
_entity_poly.pdbx_strand_id
1 'polyribonucleotide'
;GCCGAUAUAGCUCAG(H2U)(H2U)GG(H2U)AGAGCAGCGCAUUCGU(AET)AUGCGAAG(G7M)UCGUAGG(5MU)
(PSU)CGACUCCUAUUAUCGGCACCA
;
B
2 'polypeptide(L)'
;MPVITLPDGSQRHYDHAVSPMDVALDIGPGLAKACIAGRVNGELVDACDLIENDAQLSIITAKDEEGLEIIRHSCAHLLG
HAIKQLWPHTKMAIGPVIDNGFYYDVDLDRTLTQEDVEALEKRMHELAEKNYDVIKKKVSWHEARETFANRGESYKVSIL
DENIAHDDKPGLYFHEEYVDMCRGPHVPNMRFCHHFKLMKTAGAYWRGDSNNKMLQRIYGTAWADKKALNAYLQRLEEAA
KRDHRKIGKQLDLYHMQEEAPGMVFWHNDGWTIFRELEVFVRSKLKEYQYQEVKGPFMMDRVLWEKTGHWDNYKDAMFTT
SSENREYCIKPMNCPGHVQIFNQGLKSYRDLPLRMAEFGSCHRNEPSGSLHGLMRVRGFTQDDAHIFCTEEQIRDEVNGC
IRLVYDMYSTFGFEKIVVKLSTRPEKRIGSDEMWDRAEADLAVALEENNIPFEYQLGEGAFYGPKIEFTLYDCLDRAWQC
GTVQLDFSLPSRLSASYVGEDNERKVPVMIHRAILGSMERFIGILTEEFAGFFPTWLAPVQVVIMNITDSQSEYVNELTQ
KLSNAGIRVKADLRNEKIGFKIREHTLRRVPYMLVCGDKEVESGKVAVRTRRGKDLGSMDVNEVIEKLQQEIRSRSLKQL
EE
;
A
#
loop_
_chem_comp.id
_chem_comp.type
_chem_comp.name
_chem_comp.formula
5MU RNA linking '5-METHYLURIDINE 5'-MONOPHOSPHATE' 'C10 H15 N2 O9 P'
A RNA linking ADENOSINE-5'-MONOPHOSPHATE 'C10 H14 N5 O7 P'
AET RNA linking N-[N-(9-B-D-RIBOFURANOSYLPURIN-6-YL)METHYLCARBAMOYL]THREONINE-5'-MONOPHOSPHATE 'C16 H23 N6 O11 P'
AMP non-polymer 'ADENOSINE MONOPHOSPHATE' 'C10 H14 N5 O7 P'
C RNA linking CYTIDINE-5'-MONOPHOSPHATE 'C9 H14 N3 O8 P'
G RNA linking GUANOSINE-5'-MONOPHOSPHATE 'C10 H14 N5 O8 P'
G7M RNA linking N7-METHYL-GUANOSINE-5'-MONOPHOSPHATE 'C11 H17 N5 O8 P 1'
H2U RNA linking 5,6-DIHYDROURIDINE-5'-MONOPHOSPHATE 'C9 H15 N2 O9 P'
PSU RNA linking PSEUDOURIDINE-5'-MONOPHOSPHATE 'C9 H13 N2 O9 P'
U RNA linking URIDINE-5'-MONOPHOSPHATE 'C9 H13 N2 O9 P'
ZN non-polymer 'ZINC ION' 'Zn 2'
#
# COMPACT_ATOMS: atom_id res chain seq x y z
P H2U A 16 18.79 -19.27 30.47
OP1 H2U A 16 18.15 -19.14 31.80
OP2 H2U A 16 19.01 -20.63 29.89
O5' H2U A 16 17.91 -18.49 29.41
C5' H2U A 16 17.03 -19.22 28.54
C4' H2U A 16 15.62 -18.70 28.66
O4' H2U A 16 15.42 -17.56 27.76
C3' H2U A 16 14.55 -19.71 28.27
O3' H2U A 16 14.24 -20.56 29.40
C1' H2U A 16 14.10 -17.60 27.23
C2' H2U A 16 13.38 -18.81 27.84
O2' H2U A 16 12.54 -18.36 28.91
N1 H2U A 16 14.20 -17.66 25.75
C2 H2U A 16 13.02 -17.66 25.00
O2 H2U A 16 12.07 -16.89 25.22
N3 H2U A 16 13.00 -18.59 23.98
C4 H2U A 16 14.10 -19.22 23.39
O4 H2U A 16 13.92 -19.98 22.43
C5 H2U A 16 15.46 -18.93 23.96
C6 H2U A 16 15.51 -17.90 25.10
P H2U A 17 14.52 -22.15 29.30
OP1 H2U A 17 15.77 -22.34 28.47
OP2 H2U A 17 13.23 -22.78 28.87
O5' H2U A 17 14.82 -22.59 30.82
C5' H2U A 17 14.25 -23.82 31.40
C4' H2U A 17 15.31 -24.59 32.19
O4' H2U A 17 16.37 -24.95 31.29
C3' H2U A 17 16.00 -23.87 33.36
O3' H2U A 17 15.42 -24.17 34.63
C1' H2U A 17 17.58 -25.06 31.99
C2' H2U A 17 17.38 -24.53 33.42
O2' H2U A 17 17.48 -25.63 34.32
N1 H2U A 17 18.66 -24.42 31.23
C2 H2U A 17 18.72 -24.62 29.86
O2 H2U A 17 17.84 -24.28 29.06
N3 H2U A 17 19.89 -25.22 29.47
C4 H2U A 17 20.98 -25.47 30.30
O4 H2U A 17 21.75 -26.40 30.05
C5 H2U A 17 21.11 -24.54 31.48
C6 H2U A 17 19.83 -23.86 31.91
P H2U A 20 23.15 -17.37 41.10
OP1 H2U A 20 23.34 -17.71 39.67
OP2 H2U A 20 24.32 -17.14 41.97
O5' H2U A 20 22.22 -16.08 41.22
C5' H2U A 20 21.83 -15.54 42.49
C4' H2U A 20 21.98 -14.03 42.47
O4' H2U A 20 22.96 -13.69 43.48
C3' H2U A 20 22.48 -13.40 41.16
O3' H2U A 20 21.97 -12.08 40.99
C1' H2U A 20 24.00 -12.94 42.88
C2' H2U A 20 23.98 -13.25 41.40
O2' H2U A 20 24.60 -12.22 40.69
N1 H2U A 20 25.25 -13.35 43.52
C2 H2U A 20 25.80 -12.47 44.41
O2 H2U A 20 25.29 -11.37 44.62
N3 H2U A 20 26.96 -12.90 45.03
C4 H2U A 20 27.70 -14.03 44.73
O4 H2U A 20 28.87 -14.09 45.09
C5 H2U A 20 27.01 -15.09 43.99
C6 H2U A 20 25.89 -14.63 43.13
P AET A 37 37.14 5.21 2.82
OP1 AET A 37 38.38 4.67 3.36
OP2 AET A 37 36.69 4.59 1.55
O5' AET A 37 35.93 5.10 3.88
C5' AET A 37 36.18 5.59 5.21
C4' AET A 37 35.45 4.76 6.23
O4' AET A 37 34.03 4.96 5.93
C3' AET A 37 35.74 3.25 6.11
O3' AET A 37 36.07 2.34 7.19
C2' AET A 37 34.42 2.62 5.81
O2' AET A 37 34.03 1.66 6.91
C1' AET A 37 33.35 3.70 5.86
N9 AET A 37 32.36 3.64 4.77
C8 AET A 37 32.51 4.28 3.57
N7 AET A 37 31.50 4.10 2.76
C5 AET A 37 30.63 3.29 3.47
C6 AET A 37 29.33 2.73 3.17
N6 AET A 37 28.66 2.95 1.96
CM6 AET A 37 29.26 3.76 0.98
N1 AET A 37 28.75 1.95 4.13
C2 AET A 37 29.39 1.74 5.31
N3 AET A 37 30.60 2.22 5.70
C4 AET A 37 31.15 2.99 4.73
C10 AET A 37 27.41 2.42 1.66
O10 AET A 37 26.84 2.66 0.56
N11 AET A 37 26.82 1.65 2.58
C12 AET A 37 25.50 1.03 2.36
C13 AET A 37 24.64 1.01 3.63
ODA AET A 37 23.67 0.24 3.69
ODB AET A 37 24.95 1.80 4.56
C14 AET A 37 25.65 -0.42 1.77
O14 AET A 37 26.55 -1.31 2.46
C15 AET A 37 26.02 -0.65 0.28
P G7M A 46 23.64 0.58 37.62
OP1 G7M A 46 23.22 1.17 38.91
OP2 G7M A 46 24.48 -0.64 37.58
O5' G7M A 46 22.31 0.24 36.81
C5' G7M A 46 21.60 1.23 36.08
C4' G7M A 46 20.69 0.57 35.08
O4' G7M A 46 21.47 -0.28 34.21
C3' G7M A 46 19.67 -0.36 35.71
O3' G7M A 46 18.51 0.35 36.04
C2' G7M A 46 19.38 -1.36 34.61
O2' G7M A 46 18.41 -0.89 33.69
C1' G7M A 46 20.72 -1.45 33.90
N9 G7M A 46 21.52 -2.61 34.26
C8 G7M A 46 22.23 -2.82 35.42
N7 G7M A 46 22.96 -3.97 35.36
CN7 G7M A 46 23.86 -4.50 36.35
C5 G7M A 46 22.67 -4.48 34.12
C6 G7M A 46 23.16 -5.64 33.49
O6 G7M A 46 24.00 -6.44 33.91
N1 G7M A 46 22.59 -5.82 32.24
C2 G7M A 46 21.69 -4.98 31.65
N2 G7M A 46 21.28 -5.31 30.42
N3 G7M A 46 21.23 -3.89 32.23
C4 G7M A 46 21.76 -3.70 33.44
N1 5MU A 54 4.90 -17.68 43.65
C2 5MU A 54 5.91 -18.02 42.79
N3 5MU A 54 6.97 -17.15 42.77
C4 5MU A 54 7.10 -15.99 43.51
C5 5MU A 54 5.96 -15.65 44.34
C5M 5MU A 54 6.02 -14.38 45.13
C6 5MU A 54 4.92 -16.51 44.37
O2 5MU A 54 5.86 -19.02 42.08
O4 5MU A 54 8.11 -15.33 43.42
C1' 5MU A 54 3.82 -18.68 43.77
C2' 5MU A 54 4.18 -19.75 44.81
O2' 5MU A 54 3.73 -21.00 44.35
C3' 5MU A 54 3.43 -19.26 46.04
C4' 5MU A 54 2.16 -18.70 45.42
O3' 5MU A 54 3.16 -20.30 46.95
O4' 5MU A 54 2.64 -18.05 44.23
C5' 5MU A 54 1.37 -17.73 46.23
O5' 5MU A 54 2.20 -16.67 46.64
P 5MU A 54 1.61 -15.55 47.61
OP1 5MU A 54 0.79 -16.25 48.63
OP2 5MU A 54 2.72 -14.68 48.05
N1 PSU A 55 7.61 -16.73 46.99
C2 PSU A 55 8.66 -15.92 46.71
N3 PSU A 55 9.63 -16.48 45.91
C4 PSU A 55 9.61 -17.75 45.41
C5 PSU A 55 8.45 -18.51 45.82
C6 PSU A 55 7.54 -17.88 46.58
O2 PSU A 55 8.72 -14.78 47.14
O4 PSU A 55 10.53 -18.16 44.69
C1' PSU A 55 8.44 -19.97 45.76
C2' PSU A 55 9.29 -20.64 46.84
O2' PSU A 55 10.11 -21.66 46.28
C3' PSU A 55 8.21 -21.19 47.75
C4' PSU A 55 7.16 -21.67 46.75
O3' PSU A 55 8.65 -22.27 48.54
O4' PSU A 55 7.26 -20.75 45.62
C5' PSU A 55 5.75 -21.76 47.26
O5' PSU A 55 5.42 -20.60 48.04
P PSU A 55 3.89 -20.30 48.39
OP1 PSU A 55 3.34 -21.47 49.14
OP2 PSU A 55 3.78 -18.92 48.99
N PRO B 2 -10.65 -33.73 -32.06
CA PRO B 2 -10.79 -32.27 -32.32
C PRO B 2 -9.50 -31.70 -32.91
N VAL B 3 -9.54 -30.49 -33.42
CA VAL B 3 -8.30 -29.94 -33.95
C VAL B 3 -7.65 -29.01 -32.90
N ILE B 4 -6.38 -29.27 -32.58
CA ILE B 4 -5.70 -28.43 -31.60
C ILE B 4 -4.70 -27.48 -32.24
N THR B 5 -4.78 -26.20 -31.88
CA THR B 5 -3.82 -25.24 -32.44
C THR B 5 -2.87 -24.82 -31.33
N LEU B 6 -1.58 -25.07 -31.56
CA LEU B 6 -0.53 -24.74 -30.61
C LEU B 6 -0.01 -23.31 -30.78
N PRO B 7 0.72 -22.80 -29.77
CA PRO B 7 1.30 -21.46 -29.73
C PRO B 7 2.03 -21.02 -30.99
N ASP B 8 2.49 -22.00 -31.75
CA ASP B 8 3.22 -21.71 -32.97
C ASP B 8 2.33 -21.91 -34.20
N GLY B 9 1.03 -21.75 -34.02
CA GLY B 9 0.10 -21.92 -35.13
C GLY B 9 -0.10 -23.36 -35.56
N SER B 10 0.92 -24.19 -35.39
CA SER B 10 0.84 -25.59 -35.75
C SER B 10 -0.48 -26.23 -35.28
N GLN B 11 -1.00 -27.17 -36.05
CA GLN B 11 -2.24 -27.84 -35.68
C GLN B 11 -2.03 -29.34 -35.49
N ARG B 12 -2.90 -29.96 -34.72
CA ARG B 12 -2.77 -31.38 -34.44
C ARG B 12 -4.18 -31.92 -34.53
N HIS B 13 -4.36 -33.08 -35.16
CA HIS B 13 -5.71 -33.62 -35.32
C HIS B 13 -5.94 -34.91 -34.56
N TYR B 14 -6.99 -34.95 -33.75
CA TYR B 14 -7.30 -36.15 -32.98
C TYR B 14 -8.75 -36.53 -33.21
N ASP B 15 -9.00 -37.84 -33.27
CA ASP B 15 -10.33 -38.39 -33.52
C ASP B 15 -11.12 -38.78 -32.27
N HIS B 16 -10.79 -38.18 -31.13
CA HIS B 16 -11.46 -38.48 -29.87
C HIS B 16 -11.04 -37.41 -28.90
N ALA B 17 -11.69 -37.35 -27.75
CA ALA B 17 -11.34 -36.33 -26.78
C ALA B 17 -9.93 -36.56 -26.24
N VAL B 18 -9.13 -35.50 -26.17
CA VAL B 18 -7.78 -35.58 -25.64
C VAL B 18 -7.62 -34.58 -24.50
N SER B 19 -6.64 -34.80 -23.65
CA SER B 19 -6.39 -33.87 -22.55
C SER B 19 -5.12 -33.11 -22.90
N PRO B 20 -4.86 -32.03 -22.19
CA PRO B 20 -3.64 -31.32 -22.56
C PRO B 20 -2.44 -32.18 -22.18
N MET B 21 -2.60 -33.06 -21.19
CA MET B 21 -1.50 -33.94 -20.82
C MET B 21 -1.23 -34.86 -21.99
N ASP B 22 -2.27 -35.53 -22.49
CA ASP B 22 -2.14 -36.43 -23.63
C ASP B 22 -1.50 -35.66 -24.78
N VAL B 23 -1.98 -34.46 -25.04
CA VAL B 23 -1.40 -33.72 -26.13
C VAL B 23 0.04 -33.42 -25.83
N ALA B 24 0.33 -33.21 -24.56
CA ALA B 24 1.70 -32.90 -24.15
C ALA B 24 2.62 -34.04 -24.57
N LEU B 25 2.32 -35.27 -24.20
CA LEU B 25 3.17 -36.40 -24.60
C LEU B 25 3.33 -36.37 -26.10
N ASP B 26 2.20 -36.49 -26.78
CA ASP B 26 2.17 -36.45 -28.23
C ASP B 26 3.16 -35.43 -28.79
N ILE B 27 3.47 -34.38 -28.03
CA ILE B 27 4.41 -33.35 -28.50
C ILE B 27 5.83 -33.72 -28.15
N GLY B 28 6.00 -34.33 -26.98
CA GLY B 28 7.32 -34.74 -26.53
C GLY B 28 7.26 -35.23 -25.09
N PRO B 29 8.22 -36.07 -24.68
CA PRO B 29 8.28 -36.62 -23.30
C PRO B 29 8.74 -35.59 -22.29
N GLY B 30 9.40 -34.55 -22.78
CA GLY B 30 9.89 -33.48 -21.93
C GLY B 30 8.75 -32.56 -21.51
N LEU B 31 8.13 -31.94 -22.52
CA LEU B 31 7.00 -31.04 -22.33
C LEU B 31 5.95 -31.75 -21.52
N ALA B 32 5.81 -33.03 -21.78
CA ALA B 32 4.87 -33.83 -21.06
C ALA B 32 5.22 -33.83 -19.60
N LYS B 33 6.50 -33.92 -19.30
CA LYS B 33 6.91 -33.98 -17.91
C LYS B 33 6.90 -32.65 -17.18
N ALA B 34 6.88 -31.56 -17.94
CA ALA B 34 6.87 -30.21 -17.37
C ALA B 34 5.46 -29.69 -17.11
N CYS B 35 4.51 -30.39 -17.71
CA CYS B 35 3.11 -30.06 -17.61
C CYS B 35 2.52 -30.03 -16.21
N ILE B 36 1.84 -28.94 -15.89
CA ILE B 36 1.19 -28.78 -14.60
C ILE B 36 -0.31 -28.64 -14.88
N ALA B 37 -0.59 -27.91 -15.96
CA ALA B 37 -1.96 -27.65 -16.40
C ALA B 37 -1.92 -27.14 -17.83
N GLY B 38 -3.10 -26.87 -18.38
CA GLY B 38 -3.15 -26.34 -19.73
C GLY B 38 -4.11 -25.19 -19.81
N ARG B 39 -3.90 -24.32 -20.80
CA ARG B 39 -4.77 -23.20 -21.03
C ARG B 39 -5.46 -23.45 -22.37
N VAL B 40 -6.71 -23.87 -22.25
CA VAL B 40 -7.59 -24.23 -23.35
C VAL B 40 -8.56 -23.10 -23.67
N ASN B 41 -8.52 -22.66 -24.93
CA ASN B 41 -9.38 -21.58 -25.42
C ASN B 41 -9.44 -20.46 -24.37
N GLY B 42 -8.29 -20.14 -23.80
CA GLY B 42 -8.25 -19.09 -22.82
C GLY B 42 -8.41 -19.50 -21.37
N GLU B 43 -9.22 -20.49 -21.05
CA GLU B 43 -9.34 -20.80 -19.66
C GLU B 43 -8.27 -21.79 -19.14
N LEU B 44 -8.08 -21.79 -17.83
CA LEU B 44 -7.12 -22.69 -17.22
C LEU B 44 -7.80 -23.96 -16.72
N VAL B 45 -7.26 -25.09 -17.13
CA VAL B 45 -7.80 -26.37 -16.70
C VAL B 45 -6.75 -27.42 -16.36
N ASP B 46 -7.10 -28.30 -15.44
CA ASP B 46 -6.21 -29.37 -15.04
C ASP B 46 -5.75 -30.13 -16.26
N ALA B 47 -4.47 -30.45 -16.33
CA ALA B 47 -3.90 -31.18 -17.46
C ALA B 47 -4.61 -32.49 -17.78
N CYS B 48 -5.55 -32.89 -16.93
CA CYS B 48 -6.26 -34.13 -17.17
C CYS B 48 -7.69 -33.95 -17.73
N ASP B 49 -8.14 -32.71 -17.88
CA ASP B 49 -9.46 -32.42 -18.41
C ASP B 49 -9.49 -32.70 -19.91
N LEU B 50 -10.59 -33.29 -20.38
CA LEU B 50 -10.75 -33.64 -21.79
C LEU B 50 -11.18 -32.48 -22.69
N ILE B 51 -10.54 -32.36 -23.83
CA ILE B 51 -10.85 -31.31 -24.78
C ILE B 51 -11.70 -31.90 -25.91
N GLU B 52 -13.03 -31.78 -25.79
CA GLU B 52 -13.97 -32.29 -26.77
C GLU B 52 -13.96 -31.66 -28.16
N ASN B 53 -13.89 -30.34 -28.24
CA ASN B 53 -13.92 -29.68 -29.54
C ASN B 53 -12.69 -28.88 -29.82
N ASP B 54 -12.58 -28.35 -31.03
CA ASP B 54 -11.41 -27.58 -31.41
C ASP B 54 -11.06 -26.64 -30.29
N ALA B 55 -9.80 -26.19 -30.28
CA ALA B 55 -9.35 -25.29 -29.22
C ALA B 55 -7.91 -24.87 -29.42
N GLN B 56 -7.56 -23.74 -28.81
CA GLN B 56 -6.19 -23.29 -28.88
C GLN B 56 -5.57 -23.75 -27.56
N LEU B 57 -4.49 -24.52 -27.67
CA LEU B 57 -3.82 -25.03 -26.52
C LEU B 57 -2.50 -24.39 -26.16
N SER B 58 -2.14 -24.62 -24.91
CA SER B 58 -0.88 -24.15 -24.35
C SER B 58 -0.69 -24.91 -23.05
N ILE B 59 0.54 -25.36 -22.84
CA ILE B 59 0.84 -26.10 -21.65
C ILE B 59 1.44 -25.19 -20.60
N ILE B 60 0.91 -25.32 -19.40
CA ILE B 60 1.34 -24.53 -18.28
C ILE B 60 2.47 -25.26 -17.57
N THR B 61 3.58 -24.55 -17.53
CA THR B 61 4.82 -25.00 -16.99
C THR B 61 5.26 -24.09 -15.86
N ALA B 62 6.18 -24.55 -15.01
CA ALA B 62 6.66 -23.70 -13.92
C ALA B 62 7.30 -22.44 -14.47
N LYS B 63 7.43 -22.32 -15.79
CA LYS B 63 8.02 -21.11 -16.35
C LYS B 63 6.94 -20.06 -16.30
N ASP B 64 5.70 -20.54 -16.38
CA ASP B 64 4.51 -19.70 -16.40
C ASP B 64 4.12 -19.12 -15.07
N GLU B 65 3.82 -17.83 -15.07
CA GLU B 65 3.37 -17.16 -13.88
C GLU B 65 2.18 -17.95 -13.29
N GLU B 66 1.40 -18.58 -14.17
CA GLU B 66 0.25 -19.37 -13.76
C GLU B 66 0.64 -20.66 -13.07
N GLY B 67 1.76 -21.24 -13.49
CA GLY B 67 2.21 -22.48 -12.88
C GLY B 67 2.52 -22.24 -11.43
N LEU B 68 3.21 -21.13 -11.23
CA LEU B 68 3.58 -20.70 -9.91
C LEU B 68 2.34 -20.73 -9.02
N GLU B 69 1.31 -19.98 -9.41
CA GLU B 69 0.06 -19.97 -8.63
C GLU B 69 -0.54 -21.35 -8.46
N ILE B 70 -0.49 -22.16 -9.50
CA ILE B 70 -1.03 -23.51 -9.39
C ILE B 70 -0.28 -24.26 -8.29
N ILE B 71 1.04 -24.14 -8.35
CA ILE B 71 1.91 -24.77 -7.39
C ILE B 71 1.54 -24.31 -5.99
N ARG B 72 1.50 -23.00 -5.81
CA ARG B 72 1.17 -22.43 -4.50
C ARG B 72 -0.20 -22.95 -4.06
N HIS B 73 -1.15 -23.04 -4.98
CA HIS B 73 -2.44 -23.52 -4.56
C HIS B 73 -2.35 -24.96 -4.06
N SER B 74 -1.63 -25.79 -4.80
CA SER B 74 -1.49 -27.19 -4.41
C SER B 74 -0.83 -27.35 -3.04
N CYS B 75 0.18 -26.52 -2.75
CA CYS B 75 0.86 -26.56 -1.44
C CYS B 75 -0.16 -26.27 -0.37
N ALA B 76 -1.08 -25.39 -0.68
CA ALA B 76 -2.10 -25.09 0.28
C ALA B 76 -2.83 -26.39 0.54
N HIS B 77 -3.06 -27.19 -0.49
CA HIS B 77 -3.74 -28.44 -0.20
C HIS B 77 -2.83 -29.41 0.54
N LEU B 78 -1.53 -29.35 0.24
CA LEU B 78 -0.54 -30.19 0.89
C LEU B 78 -0.62 -29.96 2.38
N LEU B 79 -0.67 -28.68 2.77
CA LEU B 79 -0.79 -28.31 4.17
C LEU B 79 -2.01 -28.99 4.80
N GLY B 80 -3.14 -28.93 4.11
CA GLY B 80 -4.33 -29.58 4.65
C GLY B 80 -4.08 -31.06 4.81
N HIS B 81 -3.40 -31.63 3.83
CA HIS B 81 -3.09 -33.04 3.86
C HIS B 81 -2.38 -33.41 5.17
N ALA B 82 -1.26 -32.72 5.39
CA ALA B 82 -0.42 -32.93 6.56
C ALA B 82 -1.13 -32.54 7.83
N ILE B 83 -1.55 -31.30 7.90
CA ILE B 83 -2.22 -30.81 9.08
C ILE B 83 -3.21 -31.84 9.59
N LYS B 84 -3.90 -32.51 8.68
CA LYS B 84 -4.90 -33.49 9.13
C LYS B 84 -4.34 -34.77 9.72
N GLN B 85 -3.09 -35.09 9.38
CA GLN B 85 -2.43 -36.27 9.90
C GLN B 85 -1.91 -35.96 11.30
N LEU B 86 -1.39 -34.75 11.49
CA LEU B 86 -0.87 -34.38 12.79
C LEU B 86 -1.95 -34.18 13.84
N TRP B 87 -3.05 -33.51 13.48
CA TRP B 87 -4.17 -33.25 14.39
C TRP B 87 -5.43 -33.48 13.60
N PRO B 88 -5.85 -34.75 13.49
CA PRO B 88 -7.06 -35.11 12.74
C PRO B 88 -8.37 -34.35 13.03
N HIS B 89 -8.45 -33.62 14.15
CA HIS B 89 -9.66 -32.87 14.51
C HIS B 89 -9.78 -31.47 13.89
N THR B 90 -8.77 -31.11 13.12
CA THR B 90 -8.69 -29.84 12.43
C THR B 90 -9.79 -29.69 11.39
N LYS B 91 -10.48 -28.56 11.38
CA LYS B 91 -11.49 -28.34 10.35
C LYS B 91 -10.89 -27.40 9.31
N MET B 92 -10.99 -27.76 8.04
CA MET B 92 -10.44 -26.90 7.01
C MET B 92 -11.48 -25.89 6.57
N ALA B 93 -11.06 -24.63 6.48
CA ALA B 93 -11.95 -23.56 6.06
C ALA B 93 -11.50 -23.13 4.68
N ILE B 94 -10.95 -21.95 4.58
CA ILE B 94 -10.52 -21.49 3.28
C ILE B 94 -9.00 -21.43 3.11
N GLY B 95 -8.48 -22.06 2.06
CA GLY B 95 -7.04 -22.01 1.82
C GLY B 95 -6.73 -21.55 0.42
N PRO B 96 -6.57 -20.25 0.18
CA PRO B 96 -6.28 -19.72 -1.16
C PRO B 96 -4.85 -19.31 -1.47
N VAL B 97 -4.59 -19.05 -2.75
CA VAL B 97 -3.30 -18.57 -3.17
C VAL B 97 -3.34 -17.08 -2.82
N ILE B 98 -2.18 -16.48 -2.61
CA ILE B 98 -2.05 -15.08 -2.24
C ILE B 98 -0.70 -14.66 -2.78
N ASP B 99 -0.40 -13.38 -2.83
CA ASP B 99 0.91 -12.97 -3.34
C ASP B 99 2.06 -13.68 -2.63
N ASN B 100 2.99 -14.21 -3.40
CA ASN B 100 4.14 -14.91 -2.85
C ASN B 100 3.84 -16.22 -2.14
N GLY B 101 2.59 -16.63 -2.11
CA GLY B 101 2.33 -17.86 -1.42
C GLY B 101 0.91 -18.30 -1.30
N PHE B 102 0.49 -18.56 -0.07
CA PHE B 102 -0.84 -19.07 0.19
C PHE B 102 -0.99 -19.12 1.69
N TYR B 103 -2.20 -19.43 2.14
CA TYR B 103 -2.43 -19.56 3.56
C TYR B 103 -3.59 -20.49 3.63
N TYR B 104 -3.98 -20.87 4.84
CA TYR B 104 -5.11 -21.76 5.06
C TYR B 104 -5.68 -21.42 6.43
N ASP B 105 -6.98 -21.13 6.48
CA ASP B 105 -7.64 -20.83 7.73
C ASP B 105 -8.11 -22.16 8.15
N VAL B 106 -7.87 -22.42 9.43
CA VAL B 106 -8.17 -23.70 10.02
C VAL B 106 -8.85 -23.51 11.36
N ASP B 107 -9.80 -24.38 11.65
CA ASP B 107 -10.45 -24.33 12.93
C ASP B 107 -9.87 -25.48 13.73
N LEU B 108 -8.99 -25.16 14.67
CA LEU B 108 -8.37 -26.16 15.51
C LEU B 108 -8.55 -25.69 16.93
N ASP B 109 -8.86 -26.61 17.82
CA ASP B 109 -9.09 -26.22 19.19
C ASP B 109 -7.80 -26.26 20.02
N ARG B 110 -6.68 -26.08 19.36
CA ARG B 110 -5.40 -26.13 20.02
C ARG B 110 -4.50 -25.05 19.44
N THR B 111 -4.10 -24.10 20.27
CA THR B 111 -3.24 -23.01 19.81
C THR B 111 -1.89 -23.48 19.22
N LEU B 112 -1.74 -23.33 17.91
CA LEU B 112 -0.52 -23.77 17.23
C LEU B 112 0.75 -22.99 17.56
N THR B 113 1.64 -23.62 18.33
CA THR B 113 2.90 -23.01 18.71
C THR B 113 3.86 -23.05 17.52
N GLN B 114 4.89 -22.20 17.57
CA GLN B 114 5.90 -22.13 16.52
C GLN B 114 6.61 -23.47 16.37
N GLU B 115 6.40 -24.34 17.34
CA GLU B 115 7.01 -25.64 17.33
C GLU B 115 6.17 -26.51 16.42
N ASP B 116 4.86 -26.43 16.61
CA ASP B 116 3.92 -27.19 15.79
C ASP B 116 3.99 -26.78 14.33
N VAL B 117 4.03 -25.47 14.12
CA VAL B 117 4.13 -24.96 12.77
C VAL B 117 5.39 -25.52 12.12
N GLU B 118 6.42 -25.74 12.91
CA GLU B 118 7.67 -26.34 12.39
C GLU B 118 7.44 -27.85 12.14
N ALA B 119 6.65 -28.49 13.00
CA ALA B 119 6.34 -29.93 12.87
C ALA B 119 5.56 -30.18 11.59
N LEU B 120 4.57 -29.31 11.37
CA LEU B 120 3.73 -29.32 10.18
C LEU B 120 4.62 -29.20 8.92
N GLU B 121 5.40 -28.12 8.81
CA GLU B 121 6.25 -27.95 7.65
C GLU B 121 7.13 -29.16 7.40
N LYS B 122 7.51 -29.86 8.47
CA LYS B 122 8.35 -31.03 8.30
C LYS B 122 7.53 -32.13 7.66
N ARG B 123 6.39 -32.46 8.27
CA ARG B 123 5.49 -33.48 7.74
C ARG B 123 5.15 -33.15 6.28
N MET B 124 4.93 -31.86 6.04
CA MET B 124 4.59 -31.32 4.74
C MET B 124 5.66 -31.65 3.71
N HIS B 125 6.91 -31.32 4.02
CA HIS B 125 7.99 -31.60 3.09
C HIS B 125 8.09 -33.08 2.82
N GLU B 126 7.72 -33.89 3.82
CA GLU B 126 7.81 -35.34 3.67
C GLU B 126 6.82 -35.88 2.64
N LEU B 127 5.56 -35.51 2.78
CA LEU B 127 4.54 -35.98 1.85
C LEU B 127 4.88 -35.53 0.42
N ALA B 128 5.30 -34.28 0.25
CA ALA B 128 5.66 -33.75 -1.07
C ALA B 128 6.87 -34.46 -1.73
N GLU B 129 7.75 -35.04 -0.91
CA GLU B 129 8.92 -35.74 -1.42
C GLU B 129 8.49 -37.09 -1.98
N LYS B 130 7.43 -37.67 -1.42
CA LYS B 130 6.92 -38.95 -1.88
C LYS B 130 6.61 -38.86 -3.38
N ASN B 131 6.34 -37.64 -3.84
CA ASN B 131 6.00 -37.39 -5.23
C ASN B 131 4.69 -38.05 -5.65
N TYR B 132 3.70 -38.11 -4.78
CA TYR B 132 2.46 -38.74 -5.16
C TYR B 132 1.67 -37.92 -6.22
N ASP B 133 0.69 -38.57 -6.85
CA ASP B 133 -0.16 -37.92 -7.84
C ASP B 133 -1.39 -37.31 -7.19
N VAL B 134 -1.82 -36.18 -7.73
CA VAL B 134 -3.03 -35.50 -7.26
C VAL B 134 -4.11 -35.99 -8.19
N ILE B 135 -5.20 -36.51 -7.66
CA ILE B 135 -6.27 -37.03 -8.51
C ILE B 135 -7.53 -36.21 -8.42
N LYS B 136 -8.04 -35.83 -9.59
CA LYS B 136 -9.27 -35.04 -9.67
C LYS B 136 -10.47 -35.96 -9.97
N LYS B 137 -11.63 -35.61 -9.41
CA LYS B 137 -12.84 -36.40 -9.65
C LYS B 137 -14.05 -35.50 -9.52
N LYS B 138 -14.70 -35.17 -10.65
CA LYS B 138 -15.90 -34.33 -10.65
C LYS B 138 -17.09 -35.12 -10.13
N VAL B 139 -17.93 -34.48 -9.33
CA VAL B 139 -19.09 -35.17 -8.80
C VAL B 139 -20.29 -34.26 -8.58
N SER B 140 -21.39 -34.85 -8.16
CA SER B 140 -22.61 -34.11 -7.92
C SER B 140 -22.51 -33.26 -6.66
N TRP B 141 -23.24 -32.15 -6.64
CA TRP B 141 -23.27 -31.29 -5.48
C TRP B 141 -23.70 -32.09 -4.24
N HIS B 142 -24.12 -33.34 -4.43
CA HIS B 142 -24.58 -34.16 -3.31
C HIS B 142 -23.56 -35.06 -2.63
N GLU B 143 -22.88 -35.88 -3.42
CA GLU B 143 -21.87 -36.76 -2.87
C GLU B 143 -20.75 -35.86 -2.34
N ALA B 144 -20.53 -34.75 -3.06
CA ALA B 144 -19.52 -33.79 -2.64
C ALA B 144 -19.89 -33.33 -1.25
N ARG B 145 -21.15 -32.93 -1.06
CA ARG B 145 -21.59 -32.50 0.24
C ARG B 145 -21.43 -33.68 1.18
N GLU B 146 -21.96 -34.83 0.76
CA GLU B 146 -21.89 -36.07 1.53
C GLU B 146 -20.44 -36.26 1.98
N THR B 147 -19.52 -36.26 1.03
CA THR B 147 -18.10 -36.43 1.36
C THR B 147 -17.61 -35.64 2.57
N PHE B 148 -17.82 -34.32 2.55
CA PHE B 148 -17.37 -33.43 3.63
C PHE B 148 -18.22 -33.49 4.87
N ALA B 149 -19.46 -33.93 4.72
CA ALA B 149 -20.30 -34.06 5.89
C ALA B 149 -19.78 -35.28 6.67
N ASN B 150 -19.39 -36.31 5.94
CA ASN B 150 -18.88 -37.54 6.56
C ASN B 150 -17.44 -37.36 7.03
N ARG B 151 -16.77 -36.33 6.52
CA ARG B 151 -15.39 -36.09 6.91
C ARG B 151 -15.35 -35.14 8.10
N GLY B 152 -16.51 -34.58 8.45
CA GLY B 152 -16.58 -33.67 9.58
C GLY B 152 -16.29 -32.22 9.29
N GLU B 153 -16.00 -31.91 8.03
CA GLU B 153 -15.68 -30.54 7.62
C GLU B 153 -16.88 -29.59 7.57
N SER B 154 -17.28 -29.06 8.71
CA SER B 154 -18.43 -28.15 8.76
C SER B 154 -18.26 -26.96 7.84
N TYR B 155 -17.04 -26.42 7.75
CA TYR B 155 -16.85 -25.26 6.90
C TYR B 155 -17.04 -25.56 5.43
N LYS B 156 -16.41 -26.64 4.96
CA LYS B 156 -16.54 -26.99 3.57
C LYS B 156 -18.01 -27.16 3.22
N VAL B 157 -18.80 -27.56 4.21
CA VAL B 157 -20.23 -27.74 4.02
C VAL B 157 -20.90 -26.39 3.80
N SER B 158 -20.68 -25.44 4.68
CA SER B 158 -21.27 -24.10 4.53
C SER B 158 -20.99 -23.56 3.12
N ILE B 159 -19.71 -23.45 2.82
CA ILE B 159 -19.27 -23.00 1.51
C ILE B 159 -20.06 -23.73 0.44
N LEU B 160 -20.22 -25.05 0.64
CA LEU B 160 -20.94 -25.87 -0.31
C LEU B 160 -22.40 -25.51 -0.46
N ASP B 161 -23.13 -25.52 0.65
CA ASP B 161 -24.54 -25.21 0.56
C ASP B 161 -24.92 -23.75 0.58
N GLU B 162 -23.95 -22.84 0.61
CA GLU B 162 -24.33 -21.43 0.58
C GLU B 162 -23.49 -20.58 -0.36
N ASN B 163 -22.54 -21.19 -1.04
CA ASN B 163 -21.67 -20.47 -1.97
C ASN B 163 -21.54 -21.19 -3.31
N ILE B 164 -22.06 -22.41 -3.40
CA ILE B 164 -21.96 -23.17 -4.65
C ILE B 164 -23.31 -23.64 -5.19
N ALA B 165 -23.57 -23.34 -6.47
CA ALA B 165 -24.80 -23.71 -7.16
C ALA B 165 -25.19 -25.16 -6.89
N HIS B 166 -26.21 -25.34 -6.05
CA HIS B 166 -26.67 -26.67 -5.67
C HIS B 166 -26.79 -27.66 -6.81
N ASP B 167 -26.77 -27.14 -8.05
CA ASP B 167 -26.86 -28.00 -9.21
C ASP B 167 -25.53 -28.07 -9.94
N ASP B 168 -24.47 -28.31 -9.19
CA ASP B 168 -23.17 -28.38 -9.80
C ASP B 168 -22.36 -29.66 -9.65
N LYS B 169 -21.34 -29.75 -10.49
CA LYS B 169 -20.43 -30.89 -10.49
C LYS B 169 -19.08 -30.44 -9.91
N PRO B 170 -19.09 -29.97 -8.64
CA PRO B 170 -17.85 -29.51 -8.01
C PRO B 170 -16.77 -30.57 -8.03
N GLY B 171 -15.59 -30.19 -8.46
CA GLY B 171 -14.47 -31.13 -8.52
C GLY B 171 -13.72 -31.30 -7.21
N LEU B 172 -13.54 -32.54 -6.80
CA LEU B 172 -12.80 -32.85 -5.59
C LEU B 172 -11.38 -33.20 -5.95
N TYR B 173 -10.42 -32.79 -5.13
CA TYR B 173 -9.03 -33.14 -5.38
C TYR B 173 -8.59 -34.07 -4.27
N PHE B 174 -7.83 -35.11 -4.65
CA PHE B 174 -7.38 -36.14 -3.70
C PHE B 174 -5.88 -36.26 -3.57
N HIS B 175 -5.40 -36.01 -2.35
CA HIS B 175 -3.97 -36.11 -2.02
C HIS B 175 -3.89 -37.33 -1.12
N GLU B 176 -3.74 -38.52 -1.72
CA GLU B 176 -3.74 -39.77 -0.97
C GLU B 176 -5.07 -39.80 -0.18
N GLU B 177 -5.02 -39.86 1.15
CA GLU B 177 -6.27 -39.90 1.92
C GLU B 177 -7.06 -38.59 2.05
N TYR B 178 -6.37 -37.48 1.81
CA TYR B 178 -6.94 -36.14 1.95
C TYR B 178 -7.79 -35.64 0.79
N VAL B 179 -8.80 -34.83 1.12
CA VAL B 179 -9.69 -34.29 0.09
C VAL B 179 -10.07 -32.83 0.29
N ASP B 180 -9.88 -32.03 -0.75
CA ASP B 180 -10.23 -30.62 -0.75
C ASP B 180 -11.08 -30.47 -1.99
N MET B 181 -11.68 -29.30 -2.20
CA MET B 181 -12.56 -29.21 -3.32
C MET B 181 -12.81 -27.88 -3.95
N CYS B 182 -11.80 -27.06 -4.16
CA CYS B 182 -12.17 -25.81 -4.76
C CYS B 182 -11.46 -25.55 -6.06
N ARG B 183 -12.16 -24.82 -6.92
CA ARG B 183 -11.72 -24.45 -8.26
C ARG B 183 -10.24 -24.13 -8.50
N GLY B 184 -10.00 -23.68 -9.72
CA GLY B 184 -8.66 -23.32 -10.15
C GLY B 184 -7.98 -24.63 -10.40
N PRO B 185 -7.13 -24.73 -11.42
CA PRO B 185 -6.46 -26.02 -11.65
C PRO B 185 -5.38 -26.38 -10.59
N HIS B 186 -5.23 -27.67 -10.33
CA HIS B 186 -4.23 -28.16 -9.40
C HIS B 186 -3.15 -28.95 -10.11
N VAL B 187 -2.04 -29.08 -9.39
CA VAL B 187 -0.85 -29.80 -9.83
C VAL B 187 -1.16 -31.29 -10.17
N PRO B 188 -0.45 -31.86 -11.14
CA PRO B 188 -0.59 -33.25 -11.60
C PRO B 188 -0.12 -34.19 -10.47
N ASN B 189 1.10 -33.94 -9.99
CA ASN B 189 1.66 -34.66 -8.84
C ASN B 189 2.63 -33.71 -8.10
N MET B 190 2.89 -34.04 -6.83
CA MET B 190 3.73 -33.20 -5.97
C MET B 190 5.17 -32.98 -6.37
N ARG B 191 5.63 -33.65 -7.41
CA ARG B 191 7.00 -33.43 -7.86
C ARG B 191 7.32 -31.92 -8.06
N PHE B 192 6.30 -31.08 -8.18
CA PHE B 192 6.49 -29.62 -8.37
C PHE B 192 6.37 -28.83 -7.08
N CYS B 193 5.97 -29.49 -6.00
CA CYS B 193 5.79 -28.78 -4.73
C CYS B 193 6.86 -28.98 -3.67
N HIS B 194 8.11 -28.90 -4.08
CA HIS B 194 9.21 -29.10 -3.14
C HIS B 194 9.69 -27.86 -2.42
N HIS B 195 9.74 -26.74 -3.11
CA HIS B 195 10.24 -25.53 -2.48
C HIS B 195 9.18 -24.67 -1.83
N PHE B 196 9.13 -24.71 -0.51
CA PHE B 196 8.15 -23.92 0.21
C PHE B 196 8.52 -23.82 1.69
N LYS B 197 7.94 -22.85 2.37
CA LYS B 197 8.24 -22.65 3.79
C LYS B 197 7.09 -21.91 4.48
N LEU B 198 6.67 -22.43 5.64
CA LEU B 198 5.61 -21.78 6.41
C LEU B 198 6.21 -20.54 7.03
N MET B 199 5.45 -19.45 7.11
CA MET B 199 6.00 -18.25 7.72
C MET B 199 5.28 -17.96 9.03
N LYS B 200 4.47 -16.93 9.01
CA LYS B 200 3.73 -16.51 10.18
C LYS B 200 2.42 -17.28 10.35
N THR B 201 1.72 -16.97 11.43
CA THR B 201 0.40 -17.52 11.74
C THR B 201 -0.32 -16.43 12.56
N ALA B 202 -1.64 -16.34 12.39
CA ALA B 202 -2.43 -15.32 13.09
C ALA B 202 -3.93 -15.61 13.02
N GLY B 203 -4.71 -14.91 13.83
CA GLY B 203 -6.15 -15.12 13.82
C GLY B 203 -6.80 -14.39 12.66
N ALA B 204 -7.86 -14.97 12.13
CA ALA B 204 -8.63 -14.40 11.02
C ALA B 204 -10.09 -14.77 11.24
N TYR B 205 -10.97 -13.76 11.21
CA TYR B 205 -12.39 -14.02 11.41
C TYR B 205 -12.91 -14.87 10.30
N TRP B 206 -13.87 -15.72 10.60
CA TRP B 206 -14.48 -16.55 9.57
C TRP B 206 -15.32 -15.60 8.73
N ARG B 207 -15.24 -15.74 7.42
CA ARG B 207 -16.00 -14.92 6.51
C ARG B 207 -15.81 -13.42 6.74
N GLY B 208 -14.64 -13.05 7.27
CA GLY B 208 -14.35 -11.64 7.50
C GLY B 208 -15.21 -10.84 8.47
N ASP B 209 -16.07 -11.49 9.25
CA ASP B 209 -16.89 -10.73 10.19
C ASP B 209 -16.39 -10.82 11.63
N SER B 210 -16.09 -9.67 12.23
CA SER B 210 -15.58 -9.66 13.59
C SER B 210 -16.53 -10.27 14.62
N ASN B 211 -17.71 -10.67 14.16
CA ASN B 211 -18.69 -11.28 15.05
C ASN B 211 -18.56 -12.78 15.01
N ASN B 212 -18.01 -13.30 13.90
CA ASN B 212 -17.81 -14.73 13.72
C ASN B 212 -16.65 -15.20 14.55
N LYS B 213 -16.35 -16.48 14.44
CA LYS B 213 -15.23 -17.06 15.15
C LYS B 213 -13.90 -16.67 14.49
N MET B 214 -12.86 -16.55 15.31
CA MET B 214 -11.54 -16.23 14.76
C MET B 214 -10.80 -17.54 14.60
N LEU B 215 -10.44 -17.88 13.37
CA LEU B 215 -9.72 -19.11 13.10
C LEU B 215 -8.24 -18.83 13.04
N GLN B 216 -7.45 -19.87 12.87
CA GLN B 216 -6.00 -19.69 12.80
C GLN B 216 -5.57 -19.77 11.36
N ARG B 217 -4.96 -18.72 10.87
CA ARG B 217 -4.53 -18.72 9.50
C ARG B 217 -3.03 -19.05 9.39
N ILE B 218 -2.69 -20.10 8.67
CA ILE B 218 -1.29 -20.42 8.53
C ILE B 218 -0.75 -19.97 7.19
N TYR B 219 0.22 -19.09 7.19
CA TYR B 219 0.79 -18.58 5.94
C TYR B 219 2.04 -19.34 5.42
N GLY B 220 2.22 -19.45 4.11
CA GLY B 220 3.40 -20.09 3.56
C GLY B 220 3.86 -19.40 2.27
N THR B 221 5.05 -19.72 1.77
CA THR B 221 5.53 -19.18 0.49
C THR B 221 5.75 -20.48 -0.28
N ALA B 222 5.98 -20.38 -1.58
CA ALA B 222 6.25 -21.57 -2.38
C ALA B 222 6.73 -21.06 -3.69
N TRP B 223 7.73 -21.73 -4.26
CA TRP B 223 8.23 -21.34 -5.57
C TRP B 223 8.49 -22.55 -6.45
N ALA B 224 8.96 -22.26 -7.65
CA ALA B 224 9.27 -23.30 -8.63
C ALA B 224 10.62 -23.96 -8.35
N ASP B 225 11.59 -23.15 -7.91
CA ASP B 225 12.95 -23.59 -7.64
C ASP B 225 13.53 -23.07 -6.33
N LYS B 226 14.52 -23.78 -5.79
CA LYS B 226 15.19 -23.39 -4.54
C LYS B 226 15.81 -22.01 -4.66
N LYS B 227 16.30 -21.64 -5.85
CA LYS B 227 16.90 -20.32 -6.02
C LYS B 227 15.86 -19.26 -5.70
N ALA B 228 14.80 -19.22 -6.50
CA ALA B 228 13.69 -18.28 -6.35
C ALA B 228 13.24 -18.13 -4.91
N LEU B 229 13.04 -19.27 -4.22
CA LEU B 229 12.62 -19.24 -2.84
C LEU B 229 13.65 -18.49 -2.01
N ASN B 230 14.89 -18.91 -2.03
CA ASN B 230 15.88 -18.22 -1.25
C ASN B 230 16.02 -16.74 -1.61
N ALA B 231 15.87 -16.38 -2.88
CA ALA B 231 16.01 -14.97 -3.24
C ALA B 231 14.90 -14.15 -2.59
N TYR B 232 13.75 -14.80 -2.42
CA TYR B 232 12.59 -14.20 -1.80
C TYR B 232 12.94 -13.85 -0.34
N LEU B 233 13.27 -14.87 0.44
CA LEU B 233 13.63 -14.66 1.84
C LEU B 233 14.70 -13.61 1.92
N GLN B 234 15.60 -13.61 0.96
CA GLN B 234 16.67 -12.62 0.95
C GLN B 234 16.03 -11.24 0.84
N ARG B 235 15.12 -11.11 -0.13
CA ARG B 235 14.38 -9.87 -0.35
C ARG B 235 13.67 -9.42 0.95
N LEU B 236 13.11 -10.36 1.70
CA LEU B 236 12.49 -9.99 2.96
C LEU B 236 13.53 -9.34 3.87
N GLU B 237 14.68 -9.98 4.06
CA GLU B 237 15.72 -9.40 4.88
C GLU B 237 16.09 -8.00 4.43
N GLU B 238 16.40 -7.84 3.15
CA GLU B 238 16.75 -6.54 2.64
C GLU B 238 15.66 -5.53 2.92
N ALA B 239 14.41 -5.99 2.85
CA ALA B 239 13.25 -5.15 3.08
C ALA B 239 13.21 -4.63 4.50
N ALA B 240 13.57 -5.46 5.46
CA ALA B 240 13.54 -5.03 6.84
C ALA B 240 14.49 -3.89 7.15
N LYS B 241 15.56 -3.73 6.38
CA LYS B 241 16.50 -2.65 6.62
C LYS B 241 15.96 -1.34 6.05
N ARG B 242 14.83 -1.44 5.36
CA ARG B 242 14.18 -0.28 4.74
C ARG B 242 13.03 0.28 5.56
N ASP B 243 12.53 -0.52 6.51
CA ASP B 243 11.43 -0.10 7.36
C ASP B 243 11.60 1.28 8.00
N HIS B 244 10.59 2.13 7.87
CA HIS B 244 10.74 3.48 8.43
C HIS B 244 10.90 3.46 9.93
N ARG B 245 10.22 2.56 10.61
CA ARG B 245 10.37 2.52 12.06
C ARG B 245 11.83 2.40 12.45
N LYS B 246 12.59 1.67 11.63
CA LYS B 246 14.02 1.48 11.84
C LYS B 246 14.81 2.74 11.50
N ILE B 247 14.93 2.98 10.20
CA ILE B 247 15.61 4.15 9.69
C ILE B 247 15.22 5.37 10.51
N GLY B 248 13.94 5.40 10.87
CA GLY B 248 13.42 6.51 11.65
C GLY B 248 14.19 6.69 12.93
N LYS B 249 14.41 5.58 13.62
CA LYS B 249 15.14 5.57 14.87
C LYS B 249 16.62 5.85 14.63
N GLN B 250 17.20 5.10 13.68
CA GLN B 250 18.60 5.23 13.35
C GLN B 250 18.92 6.64 13.02
N LEU B 251 18.06 7.34 12.27
CA LEU B 251 18.38 8.71 11.93
C LEU B 251 17.85 9.77 12.90
N ASP B 252 17.22 9.31 13.99
CA ASP B 252 16.68 10.21 15.00
C ASP B 252 15.59 11.14 14.47
N LEU B 253 14.69 10.63 13.65
CA LEU B 253 13.63 11.46 13.09
C LEU B 253 12.49 11.76 14.07
N TYR B 254 12.09 10.78 14.87
CA TYR B 254 11.01 10.97 15.83
C TYR B 254 10.90 9.77 16.78
N HIS B 255 10.05 9.86 17.79
CA HIS B 255 9.83 8.70 18.63
C HIS B 255 8.39 8.79 19.13
N MET B 256 7.92 7.68 19.70
CA MET B 256 6.58 7.60 20.26
C MET B 256 6.75 6.92 21.61
N GLN B 257 5.84 7.17 22.55
CA GLN B 257 5.90 6.59 23.89
C GLN B 257 4.59 6.05 24.35
N GLU B 258 4.72 5.12 25.28
CA GLU B 258 3.61 4.49 25.92
C GLU B 258 2.55 5.50 26.40
N GLU B 259 2.98 6.64 26.94
CA GLU B 259 2.02 7.63 27.43
C GLU B 259 1.20 8.42 26.38
N ALA B 260 1.53 8.29 25.10
CA ALA B 260 0.77 8.99 24.05
C ALA B 260 0.78 8.05 22.87
N PRO B 261 0.24 6.83 23.06
CA PRO B 261 0.23 5.87 21.95
C PRO B 261 -0.31 6.42 20.64
N GLY B 262 0.39 6.11 19.57
CA GLY B 262 -0.02 6.55 18.26
C GLY B 262 0.11 8.03 17.99
N MET B 263 0.96 8.73 18.76
CA MET B 263 1.16 10.17 18.54
C MET B 263 2.65 10.44 18.45
N VAL B 264 3.09 10.98 17.33
CA VAL B 264 4.50 11.23 17.11
C VAL B 264 5.10 12.42 17.83
N PHE B 265 6.34 12.25 18.25
CA PHE B 265 7.15 13.29 18.87
C PHE B 265 8.13 13.55 17.73
N TRP B 266 8.15 14.74 17.18
CA TRP B 266 9.05 14.96 16.08
C TRP B 266 10.33 15.57 16.57
N HIS B 267 11.43 14.85 16.37
CA HIS B 267 12.72 15.36 16.77
C HIS B 267 13.15 16.34 15.71
N ASN B 268 14.12 17.17 16.03
CA ASN B 268 14.62 18.17 15.11
C ASN B 268 14.77 17.70 13.65
N ASP B 269 15.51 16.63 13.41
CA ASP B 269 15.71 16.16 12.04
C ASP B 269 14.41 15.72 11.35
N GLY B 270 13.52 15.06 12.09
CA GLY B 270 12.27 14.63 11.50
C GLY B 270 11.46 15.86 11.14
N TRP B 271 11.42 16.83 12.05
CA TRP B 271 10.68 18.05 11.82
C TRP B 271 11.22 18.87 10.65
N THR B 272 12.48 18.72 10.32
CA THR B 272 13.00 19.46 9.20
C THR B 272 12.38 18.88 7.93
N ILE B 273 12.21 17.57 7.90
CA ILE B 273 11.64 16.92 6.74
C ILE B 273 10.21 17.34 6.57
N PHE B 274 9.50 17.32 7.68
CA PHE B 274 8.09 17.69 7.74
C PHE B 274 7.94 19.15 7.26
N ARG B 275 8.68 20.08 7.86
CA ARG B 275 8.57 21.48 7.45
C ARG B 275 8.91 21.69 5.99
N GLU B 276 9.71 20.80 5.43
CA GLU B 276 10.12 20.86 4.04
C GLU B 276 9.02 20.48 3.08
N LEU B 277 8.24 19.47 3.45
CA LEU B 277 7.12 19.05 2.63
C LEU B 277 6.12 20.16 2.78
N GLU B 278 6.13 20.78 3.94
CA GLU B 278 5.19 21.84 4.19
C GLU B 278 5.41 22.97 3.17
N VAL B 279 6.64 23.45 2.98
CA VAL B 279 6.81 24.50 1.98
C VAL B 279 6.57 23.92 0.57
N PHE B 280 6.99 22.68 0.34
CA PHE B 280 6.76 22.13 -0.99
C PHE B 280 5.29 22.21 -1.35
N VAL B 281 4.44 21.70 -0.47
CA VAL B 281 3.01 21.72 -0.69
C VAL B 281 2.53 23.14 -0.95
N ARG B 282 2.94 24.04 -0.06
CA ARG B 282 2.56 25.42 -0.19
C ARG B 282 2.85 25.96 -1.56
N SER B 283 4.06 25.76 -2.02
CA SER B 283 4.40 26.24 -3.35
C SER B 283 3.37 25.71 -4.35
N LYS B 284 2.90 24.47 -4.17
CA LYS B 284 1.92 23.92 -5.09
C LYS B 284 0.52 24.51 -4.90
N LEU B 285 0.17 24.82 -3.66
CA LEU B 285 -1.13 25.43 -3.43
C LEU B 285 -1.20 26.80 -4.11
N LYS B 286 -0.08 27.49 -4.23
CA LYS B 286 -0.08 28.80 -4.85
C LYS B 286 -0.34 28.68 -6.35
N GLU B 287 0.28 27.68 -6.98
CA GLU B 287 0.09 27.44 -8.40
C GLU B 287 -1.37 27.16 -8.65
N TYR B 288 -1.87 26.09 -8.06
CA TYR B 288 -3.27 25.70 -8.23
C TYR B 288 -4.25 26.61 -7.54
N GLN B 289 -3.71 27.69 -7.00
CA GLN B 289 -4.51 28.72 -6.35
C GLN B 289 -5.54 28.43 -5.25
N TYR B 290 -5.03 28.16 -4.06
CA TYR B 290 -5.87 27.88 -2.92
C TYR B 290 -5.61 28.93 -1.87
N GLN B 291 -6.53 29.03 -0.92
CA GLN B 291 -6.35 29.92 0.21
C GLN B 291 -5.85 28.93 1.26
N GLU B 292 -5.17 29.43 2.28
CA GLU B 292 -4.74 28.53 3.32
C GLU B 292 -5.31 29.17 4.58
N VAL B 293 -6.05 28.37 5.35
CA VAL B 293 -6.66 28.87 6.56
C VAL B 293 -6.27 27.95 7.71
N LYS B 294 -6.81 28.20 8.88
CA LYS B 294 -6.56 27.35 10.01
C LYS B 294 -7.72 27.51 10.94
N GLY B 295 -8.28 26.40 11.39
CA GLY B 295 -9.38 26.45 12.30
C GLY B 295 -9.03 25.75 13.61
N PRO B 296 -9.87 25.90 14.63
CA PRO B 296 -9.69 25.31 15.96
C PRO B 296 -9.45 23.80 15.99
N PHE B 297 -9.03 23.30 17.15
CA PHE B 297 -8.78 21.88 17.34
C PHE B 297 -9.99 21.20 17.91
N MET B 298 -10.81 21.97 18.60
CA MET B 298 -12.03 21.43 19.16
C MET B 298 -13.20 22.34 18.89
N MET B 299 -14.35 21.71 18.65
CA MET B 299 -15.56 22.43 18.40
C MET B 299 -16.68 21.69 19.06
N ASP B 300 -17.77 22.41 19.29
CA ASP B 300 -18.96 21.87 19.90
C ASP B 300 -19.40 20.65 19.12
N ARG B 301 -19.72 19.60 19.85
CA ARG B 301 -20.11 18.36 19.21
C ARG B 301 -21.21 18.50 18.17
N VAL B 302 -22.14 19.42 18.40
CA VAL B 302 -23.23 19.66 17.46
C VAL B 302 -22.80 19.64 15.99
N LEU B 303 -21.70 20.31 15.65
CA LEU B 303 -21.25 20.29 14.29
C LEU B 303 -21.12 18.87 13.73
N TRP B 304 -20.72 17.92 14.57
CA TRP B 304 -20.59 16.57 14.04
C TRP B 304 -21.88 15.82 14.03
N GLU B 305 -22.83 16.26 14.85
CA GLU B 305 -24.15 15.66 14.85
C GLU B 305 -24.87 16.10 13.57
N LYS B 306 -24.78 17.38 13.22
CA LYS B 306 -25.42 17.89 12.01
C LYS B 306 -25.04 17.14 10.75
N THR B 307 -23.79 16.71 10.65
CA THR B 307 -23.30 16.03 9.45
C THR B 307 -23.56 14.54 9.45
N GLY B 308 -23.77 13.98 10.62
CA GLY B 308 -24.01 12.56 10.69
C GLY B 308 -22.77 11.83 11.15
N HIS B 309 -21.63 12.51 11.14
CA HIS B 309 -20.40 11.88 11.57
C HIS B 309 -20.49 11.36 12.99
N TRP B 310 -21.19 12.07 13.86
CA TRP B 310 -21.30 11.64 15.24
C TRP B 310 -21.98 10.31 15.40
N ASP B 311 -22.96 10.01 14.56
CA ASP B 311 -23.61 8.72 14.74
C ASP B 311 -22.79 7.60 14.19
N ASN B 312 -22.20 7.81 13.02
CA ASN B 312 -21.40 6.77 12.40
C ASN B 312 -20.00 6.55 12.97
N TYR B 313 -19.47 7.54 13.70
CA TYR B 313 -18.13 7.44 14.22
C TYR B 313 -17.87 7.91 15.64
N LYS B 314 -18.88 8.08 16.48
CA LYS B 314 -18.56 8.57 17.82
C LYS B 314 -17.59 7.72 18.61
N ASP B 315 -17.46 6.45 18.30
CA ASP B 315 -16.55 5.61 19.08
C ASP B 315 -15.08 5.70 18.68
N ALA B 316 -14.84 6.33 17.53
CA ALA B 316 -13.50 6.51 17.02
C ALA B 316 -13.20 7.99 17.06
N MET B 317 -13.87 8.69 17.96
CA MET B 317 -13.73 10.14 18.08
C MET B 317 -13.37 10.44 19.54
N PHE B 318 -12.56 11.48 19.78
CA PHE B 318 -12.16 11.89 21.13
C PHE B 318 -13.00 13.09 21.52
N THR B 319 -13.48 13.16 22.77
CA THR B 319 -14.27 14.34 23.16
C THR B 319 -13.75 14.95 24.43
N THR B 320 -14.18 16.18 24.73
CA THR B 320 -13.79 16.89 25.95
C THR B 320 -15.02 17.59 26.44
N SER B 321 -14.98 18.05 27.69
CA SER B 321 -16.12 18.74 28.24
C SER B 321 -15.73 19.89 29.13
N SER B 322 -16.53 20.93 29.13
CA SER B 322 -16.32 22.07 30.02
C SER B 322 -17.62 21.97 30.79
N GLU B 323 -17.86 22.80 31.80
CA GLU B 323 -19.12 22.66 32.54
C GLU B 323 -20.33 22.77 31.64
N ASN B 324 -20.35 23.76 30.77
CA ASN B 324 -21.49 23.91 29.94
C ASN B 324 -21.31 23.55 28.48
N ARG B 325 -20.40 22.64 28.16
CA ARG B 325 -20.22 22.33 26.74
C ARG B 325 -19.39 21.07 26.40
N GLU B 326 -19.85 20.30 25.42
CA GLU B 326 -19.11 19.11 25.01
C GLU B 326 -18.48 19.40 23.66
N TYR B 327 -17.16 19.23 23.59
CA TYR B 327 -16.44 19.47 22.35
C TYR B 327 -15.99 18.19 21.74
N CYS B 328 -15.47 18.29 20.54
CA CYS B 328 -14.90 17.15 19.86
C CYS B 328 -13.53 17.62 19.44
N ILE B 329 -12.51 16.77 19.62
CA ILE B 329 -11.20 17.14 19.11
C ILE B 329 -11.41 16.68 17.66
N LYS B 330 -11.35 17.62 16.73
CA LYS B 330 -11.67 17.29 15.36
C LYS B 330 -10.99 16.10 14.70
N PRO B 331 -11.80 15.24 14.06
CA PRO B 331 -11.43 14.02 13.33
C PRO B 331 -10.99 14.36 11.92
N MET B 332 -11.53 15.47 11.41
CA MET B 332 -11.22 16.02 10.07
C MET B 332 -11.56 17.49 10.04
N ASN B 333 -11.18 18.17 8.96
CA ASN B 333 -11.39 19.60 8.88
C ASN B 333 -12.60 20.13 8.11
N CYS B 334 -13.46 19.24 7.63
CA CYS B 334 -14.62 19.65 6.84
C CYS B 334 -15.47 20.70 7.56
N PRO B 335 -16.15 20.31 8.65
CA PRO B 335 -16.99 21.31 9.33
C PRO B 335 -16.33 22.68 9.55
N GLY B 336 -15.10 22.70 10.02
CA GLY B 336 -14.46 23.98 10.26
C GLY B 336 -14.26 24.83 9.02
N HIS B 337 -13.99 24.20 7.89
CA HIS B 337 -13.81 24.97 6.67
C HIS B 337 -15.17 25.53 6.27
N VAL B 338 -16.21 24.71 6.38
CA VAL B 338 -17.54 25.21 6.06
C VAL B 338 -17.84 26.40 6.94
N GLN B 339 -17.45 26.35 8.21
CA GLN B 339 -17.70 27.48 9.10
C GLN B 339 -17.10 28.77 8.54
N ILE B 340 -15.96 28.66 7.91
CA ILE B 340 -15.32 29.84 7.37
C ILE B 340 -16.11 30.27 6.14
N PHE B 341 -16.51 29.31 5.31
CA PHE B 341 -17.27 29.62 4.11
C PHE B 341 -18.48 30.45 4.50
N ASN B 342 -19.15 30.04 5.57
CA ASN B 342 -20.36 30.71 6.00
C ASN B 342 -20.17 32.12 6.59
N GLN B 343 -18.98 32.66 6.44
CA GLN B 343 -18.74 33.93 7.05
C GLN B 343 -19.42 35.15 6.42
N GLY B 344 -19.25 35.40 5.15
CA GLY B 344 -19.92 36.59 4.67
C GLY B 344 -21.19 36.22 3.98
N LEU B 345 -21.30 36.72 2.76
CA LEU B 345 -22.40 36.44 1.87
C LEU B 345 -21.63 36.07 0.61
N LYS B 346 -21.74 34.85 0.15
CA LYS B 346 -21.01 34.48 -1.03
C LYS B 346 -21.94 34.49 -2.24
N SER B 347 -21.44 34.96 -3.38
CA SER B 347 -22.25 34.96 -4.61
C SER B 347 -21.59 33.97 -5.55
N TYR B 348 -22.32 33.53 -6.57
CA TYR B 348 -21.78 32.57 -7.54
C TYR B 348 -20.47 33.08 -8.13
N ARG B 349 -20.21 34.37 -7.94
CA ARG B 349 -18.99 34.93 -8.47
C ARG B 349 -17.77 34.50 -7.65
N ASP B 350 -17.98 34.13 -6.39
CA ASP B 350 -16.86 33.71 -5.53
C ASP B 350 -16.42 32.27 -5.77
N LEU B 351 -17.21 31.48 -6.48
CA LEU B 351 -16.86 30.09 -6.75
C LEU B 351 -16.10 29.99 -8.05
N PRO B 352 -15.24 28.96 -8.20
CA PRO B 352 -14.99 27.94 -7.18
C PRO B 352 -14.04 28.47 -6.11
N LEU B 353 -14.42 28.27 -4.85
CA LEU B 353 -13.60 28.70 -3.74
C LEU B 353 -12.72 27.50 -3.28
N ARG B 354 -11.40 27.69 -3.29
CA ARG B 354 -10.47 26.64 -2.90
C ARG B 354 -9.83 26.98 -1.57
N MET B 355 -10.20 26.25 -0.52
CA MET B 355 -9.70 26.51 0.82
C MET B 355 -8.86 25.34 1.35
N ALA B 356 -7.58 25.57 1.63
CA ALA B 356 -6.72 24.50 2.15
C ALA B 356 -6.22 24.71 3.58
N GLU B 357 -5.90 23.60 4.25
CA GLU B 357 -5.40 23.64 5.62
C GLU B 357 -4.48 22.45 5.90
N PHE B 358 -3.41 22.66 6.67
CA PHE B 358 -2.56 21.51 7.10
C PHE B 358 -3.23 21.36 8.45
N GLY B 359 -4.23 20.48 8.51
CA GLY B 359 -5.00 20.29 9.72
C GLY B 359 -4.77 19.10 10.61
N SER B 360 -4.67 19.39 11.90
CA SER B 360 -4.43 18.36 12.87
C SER B 360 -5.63 17.55 13.25
N CYS B 361 -5.65 16.31 12.76
CA CYS B 361 -6.73 15.42 13.07
C CYS B 361 -6.37 14.43 14.15
N HIS B 362 -7.36 14.07 14.95
CA HIS B 362 -7.20 13.07 16.00
C HIS B 362 -8.37 12.14 15.89
N ARG B 363 -8.07 10.85 15.79
CA ARG B 363 -9.10 9.82 15.70
C ARG B 363 -8.63 8.72 16.62
N ASN B 364 -9.56 8.11 17.33
CA ASN B 364 -9.20 7.05 18.25
C ASN B 364 -9.25 5.72 17.56
N GLU B 365 -8.20 5.41 16.83
CA GLU B 365 -8.06 4.20 16.04
C GLU B 365 -7.99 2.92 16.83
N PRO B 366 -8.21 1.78 16.15
CA PRO B 366 -8.13 0.51 16.88
C PRO B 366 -6.71 0.30 17.37
N SER B 367 -6.58 0.02 18.67
CA SER B 367 -5.30 -0.22 19.29
C SER B 367 -4.44 -1.19 18.48
N GLY B 368 -5.06 -2.23 17.93
CA GLY B 368 -4.32 -3.19 17.14
C GLY B 368 -3.96 -2.69 15.76
N SER B 369 -4.32 -1.46 15.42
CA SER B 369 -4.03 -0.98 14.08
C SER B 369 -2.92 0.06 13.95
N LEU B 370 -2.43 0.55 15.08
CA LEU B 370 -1.36 1.55 15.08
C LEU B 370 -0.15 1.00 14.29
N HIS B 371 0.52 1.83 13.50
CA HIS B 371 1.65 1.32 12.75
C HIS B 371 2.64 2.40 12.32
N GLY B 372 3.70 2.55 13.12
CA GLY B 372 4.73 3.54 12.82
C GLY B 372 4.06 4.84 12.47
N LEU B 373 4.60 5.56 11.49
CA LEU B 373 4.00 6.81 11.06
C LEU B 373 2.83 6.56 10.14
N MET B 374 2.67 5.33 9.66
CA MET B 374 1.61 5.01 8.71
C MET B 374 0.21 5.15 9.25
N ARG B 375 -0.03 4.57 10.43
CA ARG B 375 -1.34 4.60 11.06
C ARG B 375 -1.18 5.11 12.48
N VAL B 376 -1.45 6.40 12.69
CA VAL B 376 -1.34 7.03 14.00
C VAL B 376 -2.70 7.50 14.51
N ARG B 377 -2.74 8.00 15.74
CA ARG B 377 -3.99 8.49 16.32
C ARG B 377 -4.10 10.00 16.13
N GLY B 378 -2.99 10.63 15.75
CA GLY B 378 -2.98 12.05 15.52
C GLY B 378 -2.17 12.26 14.24
N PHE B 379 -2.67 13.05 13.30
CA PHE B 379 -1.90 13.27 12.09
C PHE B 379 -2.25 14.60 11.53
N THR B 380 -1.52 15.00 10.50
CA THR B 380 -1.73 16.27 9.89
C THR B 380 -2.06 16.01 8.47
N GLN B 381 -3.27 16.39 8.08
CA GLN B 381 -3.77 16.21 6.70
C GLN B 381 -3.53 17.43 5.89
N ASP B 382 -3.07 17.22 4.68
CA ASP B 382 -2.86 18.34 3.80
C ASP B 382 -4.16 18.33 2.99
N ASP B 383 -5.27 18.72 3.59
CA ASP B 383 -6.45 18.70 2.76
C ASP B 383 -7.05 20.05 2.52
N ALA B 384 -7.95 20.06 1.54
CA ALA B 384 -8.59 21.29 1.13
C ALA B 384 -9.98 20.94 0.69
N HIS B 385 -10.88 21.90 0.76
CA HIS B 385 -12.22 21.68 0.29
C HIS B 385 -12.52 22.73 -0.75
N ILE B 386 -13.04 22.27 -1.87
CA ILE B 386 -13.38 23.17 -2.96
C ILE B 386 -14.90 23.39 -3.04
N PHE B 387 -15.31 24.65 -2.85
CA PHE B 387 -16.72 25.00 -2.92
C PHE B 387 -17.01 25.48 -4.35
N CYS B 388 -17.92 24.77 -5.04
CA CYS B 388 -18.23 25.11 -6.42
C CYS B 388 -19.63 24.73 -6.92
N THR B 389 -19.95 25.23 -8.11
CA THR B 389 -21.23 24.98 -8.77
C THR B 389 -21.09 23.68 -9.58
N GLU B 390 -22.15 22.90 -9.66
CA GLU B 390 -22.08 21.62 -10.37
C GLU B 390 -21.44 21.72 -11.74
N GLU B 391 -21.66 22.84 -12.41
CA GLU B 391 -21.11 23.01 -13.75
C GLU B 391 -19.59 22.93 -13.63
N GLN B 392 -19.06 23.53 -12.57
CA GLN B 392 -17.63 23.56 -12.34
C GLN B 392 -17.00 22.24 -11.87
N ILE B 393 -17.81 21.28 -11.45
CA ILE B 393 -17.21 20.03 -10.98
C ILE B 393 -16.15 19.45 -11.90
N ARG B 394 -16.54 19.01 -13.09
CA ARG B 394 -15.57 18.42 -14.02
C ARG B 394 -14.20 19.11 -13.97
N ASP B 395 -14.20 20.39 -14.32
CA ASP B 395 -12.98 21.18 -14.32
C ASP B 395 -12.19 21.09 -13.01
N GLU B 396 -12.91 21.16 -11.89
CA GLU B 396 -12.30 21.10 -10.56
C GLU B 396 -11.72 19.73 -10.22
N VAL B 397 -12.52 18.68 -10.35
CA VAL B 397 -12.02 17.35 -10.09
C VAL B 397 -10.77 17.12 -10.92
N ASN B 398 -10.84 17.44 -12.19
CA ASN B 398 -9.69 17.27 -13.06
C ASN B 398 -8.47 17.99 -12.49
N GLY B 399 -8.70 19.18 -11.94
CA GLY B 399 -7.62 19.93 -11.38
C GLY B 399 -6.94 19.13 -10.31
N CYS B 400 -7.73 18.41 -9.50
CA CYS B 400 -7.20 17.58 -8.42
C CYS B 400 -6.38 16.44 -9.00
N ILE B 401 -7.01 15.63 -9.83
CA ILE B 401 -6.28 14.54 -10.47
C ILE B 401 -4.89 15.00 -10.94
N ARG B 402 -4.83 16.13 -11.64
CA ARG B 402 -3.57 16.64 -12.14
C ARG B 402 -2.58 16.96 -11.03
N LEU B 403 -3.08 17.62 -9.99
CA LEU B 403 -2.24 18.00 -8.86
C LEU B 403 -1.62 16.79 -8.19
N VAL B 404 -2.37 15.70 -8.09
CA VAL B 404 -1.85 14.50 -7.48
C VAL B 404 -0.61 14.03 -8.23
N TYR B 405 -0.76 13.63 -9.49
CA TYR B 405 0.37 13.13 -10.26
C TYR B 405 1.48 14.15 -10.38
N ASP B 406 1.09 15.41 -10.29
CA ASP B 406 2.07 16.49 -10.35
C ASP B 406 3.00 16.30 -9.14
N MET B 407 2.44 16.29 -7.93
CA MET B 407 3.25 16.12 -6.73
C MET B 407 3.96 14.78 -6.56
N TYR B 408 3.27 13.67 -6.82
CA TYR B 408 3.89 12.36 -6.69
C TYR B 408 5.09 12.23 -7.63
N SER B 409 5.02 12.92 -8.75
CA SER B 409 6.11 12.83 -9.70
C SER B 409 7.41 13.48 -9.14
N THR B 410 7.30 14.30 -8.11
CA THR B 410 8.50 14.91 -7.57
C THR B 410 9.32 13.90 -6.80
N PHE B 411 8.65 12.86 -6.33
CA PHE B 411 9.30 11.82 -5.55
C PHE B 411 9.54 10.60 -6.40
N GLY B 412 9.24 10.72 -7.69
CA GLY B 412 9.45 9.61 -8.61
C GLY B 412 8.76 8.30 -8.29
N PHE B 413 7.56 8.34 -7.71
CA PHE B 413 6.85 7.10 -7.41
C PHE B 413 6.48 6.41 -8.70
N GLU B 414 6.66 5.09 -8.76
CA GLU B 414 6.33 4.35 -9.96
C GLU B 414 5.12 3.47 -9.77
N LYS B 415 4.61 3.37 -8.55
CA LYS B 415 3.45 2.54 -8.30
C LYS B 415 2.36 3.30 -7.54
N ILE B 416 1.40 3.79 -8.29
CA ILE B 416 0.28 4.56 -7.79
C ILE B 416 -0.95 3.82 -8.31
N VAL B 417 -1.71 3.14 -7.45
CA VAL B 417 -2.87 2.46 -8.00
C VAL B 417 -4.09 3.28 -7.64
N VAL B 418 -5.05 3.34 -8.55
CA VAL B 418 -6.24 4.14 -8.37
C VAL B 418 -7.52 3.33 -8.23
N LYS B 419 -8.34 3.68 -7.24
CA LYS B 419 -9.59 2.98 -6.98
C LYS B 419 -10.78 3.96 -7.00
N LEU B 420 -11.99 3.46 -7.28
CA LEU B 420 -13.17 4.31 -7.31
C LEU B 420 -14.17 3.71 -6.34
N SER B 421 -14.25 4.28 -5.15
CA SER B 421 -15.12 3.75 -4.12
C SER B 421 -16.54 4.22 -4.31
N THR B 422 -17.42 3.27 -4.65
CA THR B 422 -18.84 3.52 -4.92
C THR B 422 -19.65 3.48 -3.64
N ARG B 423 -20.89 3.94 -3.73
CA ARG B 423 -21.79 4.01 -2.58
C ARG B 423 -21.75 2.85 -1.60
N PRO B 424 -21.60 3.18 -0.30
CA PRO B 424 -21.55 2.22 0.80
C PRO B 424 -22.96 1.74 1.02
N GLU B 425 -23.11 0.73 1.88
CA GLU B 425 -24.43 0.20 2.17
C GLU B 425 -25.17 1.29 2.97
N LYS B 426 -24.48 1.83 3.96
CA LYS B 426 -25.03 2.86 4.82
C LYS B 426 -24.61 4.25 4.37
N ARG B 427 -25.51 4.99 3.74
CA ARG B 427 -25.19 6.33 3.28
C ARG B 427 -26.39 7.26 3.39
N ILE B 428 -26.19 8.50 2.92
CA ILE B 428 -27.22 9.53 2.87
C ILE B 428 -27.20 9.96 1.43
N GLY B 429 -28.25 10.64 0.96
CA GLY B 429 -28.29 11.05 -0.44
C GLY B 429 -29.10 10.11 -1.34
N SER B 430 -29.83 10.69 -2.29
CA SER B 430 -30.65 9.90 -3.20
C SER B 430 -29.83 9.09 -4.19
N ASP B 431 -30.40 7.97 -4.63
CA ASP B 431 -29.73 7.13 -5.60
C ASP B 431 -29.49 7.82 -6.93
N GLU B 432 -30.12 8.98 -7.13
CA GLU B 432 -29.93 9.72 -8.37
C GLU B 432 -28.65 10.47 -8.12
N MET B 433 -28.53 11.03 -6.92
CA MET B 433 -27.35 11.78 -6.48
C MET B 433 -26.08 10.95 -6.58
N TRP B 434 -26.16 9.72 -6.10
CA TRP B 434 -25.01 8.89 -6.19
C TRP B 434 -24.57 8.61 -7.62
N ASP B 435 -25.50 8.37 -8.54
CA ASP B 435 -25.13 8.11 -9.92
C ASP B 435 -24.44 9.35 -10.48
N ARG B 436 -25.00 10.51 -10.14
CA ARG B 436 -24.44 11.78 -10.58
C ARG B 436 -22.96 11.77 -10.21
N ALA B 437 -22.73 11.72 -8.91
CA ALA B 437 -21.39 11.71 -8.33
C ALA B 437 -20.46 10.59 -8.83
N GLU B 438 -20.88 9.33 -8.72
CA GLU B 438 -20.04 8.24 -9.17
C GLU B 438 -19.56 8.49 -10.61
N ALA B 439 -20.50 8.79 -11.51
CA ALA B 439 -20.16 9.03 -12.91
C ALA B 439 -19.23 10.22 -13.12
N ASP B 440 -19.41 11.27 -12.34
CA ASP B 440 -18.56 12.43 -12.52
C ASP B 440 -17.10 12.08 -12.27
N LEU B 441 -16.86 11.36 -11.18
CA LEU B 441 -15.50 10.97 -10.84
C LEU B 441 -14.97 10.09 -11.94
N ALA B 442 -15.71 9.02 -12.22
CA ALA B 442 -15.33 8.07 -13.26
C ALA B 442 -14.88 8.82 -14.52
N VAL B 443 -15.77 9.65 -15.05
CA VAL B 443 -15.47 10.40 -16.26
C VAL B 443 -14.19 11.20 -16.17
N ALA B 444 -14.00 11.86 -15.03
CA ALA B 444 -12.80 12.66 -14.86
C ALA B 444 -11.59 11.76 -14.94
N LEU B 445 -11.73 10.54 -14.42
CA LEU B 445 -10.64 9.58 -14.42
C LEU B 445 -10.26 9.22 -15.85
N GLU B 446 -11.29 8.89 -16.63
CA GLU B 446 -11.10 8.53 -18.03
C GLU B 446 -10.54 9.71 -18.82
N GLU B 447 -11.13 10.88 -18.64
CA GLU B 447 -10.69 12.07 -19.34
C GLU B 447 -9.21 12.36 -19.07
N ASN B 448 -8.66 11.69 -18.07
CA ASN B 448 -7.26 11.89 -17.71
C ASN B 448 -6.41 10.67 -18.04
N ASN B 449 -7.07 9.62 -18.57
CA ASN B 449 -6.42 8.37 -18.98
C ASN B 449 -5.81 7.58 -17.83
N ILE B 450 -6.51 7.60 -16.70
CA ILE B 450 -6.05 6.92 -15.53
C ILE B 450 -6.73 5.58 -15.40
N PRO B 451 -5.97 4.50 -15.51
CA PRO B 451 -6.61 3.19 -15.37
C PRO B 451 -7.06 3.09 -13.93
N PHE B 452 -8.09 2.30 -13.65
CA PHE B 452 -8.55 2.18 -12.29
C PHE B 452 -9.53 1.05 -12.18
N GLU B 453 -9.83 0.67 -10.95
CA GLU B 453 -10.78 -0.40 -10.72
C GLU B 453 -11.80 0.14 -9.75
N TYR B 454 -13.03 -0.34 -9.85
CA TYR B 454 -14.06 0.08 -8.93
C TYR B 454 -13.80 -0.67 -7.65
N GLN B 455 -14.26 -0.11 -6.55
CA GLN B 455 -14.13 -0.72 -5.24
C GLN B 455 -15.51 -0.58 -4.63
N LEU B 456 -16.36 -1.56 -4.93
CA LEU B 456 -17.75 -1.56 -4.48
C LEU B 456 -17.93 -1.62 -2.99
N GLY B 457 -18.60 -0.63 -2.43
CA GLY B 457 -18.83 -0.63 -1.00
C GLY B 457 -18.14 0.45 -0.22
N GLU B 458 -16.90 0.81 -0.58
CA GLU B 458 -16.13 1.87 0.09
C GLU B 458 -16.75 3.20 -0.28
N GLY B 459 -16.24 4.29 0.25
CA GLY B 459 -16.83 5.55 -0.13
C GLY B 459 -17.59 6.08 1.05
N ALA B 460 -17.22 7.30 1.45
CA ALA B 460 -17.83 7.94 2.60
C ALA B 460 -19.34 7.90 2.54
N PHE B 461 -19.96 7.95 3.71
CA PHE B 461 -21.39 7.90 3.78
C PHE B 461 -22.05 9.03 3.00
N TYR B 462 -21.30 10.11 2.75
CA TYR B 462 -21.85 11.26 2.01
C TYR B 462 -21.35 11.36 0.54
N GLY B 463 -20.59 10.38 0.07
CA GLY B 463 -20.14 10.46 -1.31
C GLY B 463 -19.05 9.51 -1.78
N PRO B 464 -18.96 9.26 -3.10
CA PRO B 464 -17.97 8.38 -3.69
C PRO B 464 -16.56 8.96 -3.58
N LYS B 465 -15.55 8.13 -3.78
CA LYS B 465 -14.15 8.55 -3.66
C LYS B 465 -13.20 8.01 -4.71
N ILE B 466 -12.17 8.79 -5.02
CA ILE B 466 -11.12 8.32 -5.91
C ILE B 466 -9.97 8.17 -4.91
N GLU B 467 -9.45 6.96 -4.75
CA GLU B 467 -8.36 6.71 -3.81
C GLU B 467 -7.02 6.41 -4.47
N PHE B 468 -6.02 7.27 -4.26
CA PHE B 468 -4.72 6.94 -4.82
C PHE B 468 -3.99 6.26 -3.68
N THR B 469 -3.42 5.11 -3.97
CA THR B 469 -2.72 4.36 -2.94
C THR B 469 -1.24 4.09 -3.30
N LEU B 470 -0.38 4.23 -2.29
CA LEU B 470 1.05 3.99 -2.46
C LEU B 470 1.41 2.72 -1.71
N TYR B 471 2.63 2.20 -1.93
CA TYR B 471 3.07 0.97 -1.26
C TYR B 471 4.32 1.14 -0.43
N ASP B 472 4.50 0.28 0.55
CA ASP B 472 5.66 0.38 1.42
C ASP B 472 6.74 -0.66 1.11
N CYS B 473 7.73 -0.77 1.99
CA CYS B 473 8.85 -1.70 1.83
C CYS B 473 8.43 -3.16 1.54
N LEU B 474 7.35 -3.62 2.16
CA LEU B 474 6.91 -4.99 1.94
C LEU B 474 5.70 -5.01 1.06
N ASP B 475 5.58 -3.98 0.23
CA ASP B 475 4.45 -3.91 -0.69
C ASP B 475 3.05 -3.98 -0.08
N ARG B 476 2.83 -3.28 1.03
CA ARG B 476 1.51 -3.22 1.66
C ARG B 476 0.88 -1.95 1.13
N ALA B 477 -0.43 -1.93 1.01
CA ALA B 477 -1.09 -0.75 0.47
C ALA B 477 -1.47 0.24 1.56
N TRP B 478 -1.29 1.53 1.24
CA TRP B 478 -1.61 2.62 2.14
C TRP B 478 -2.24 3.73 1.32
N GLN B 479 -3.48 4.07 1.65
CA GLN B 479 -4.16 5.12 0.94
C GLN B 479 -3.50 6.44 1.18
N CYS B 480 -3.33 7.24 0.14
CA CYS B 480 -2.73 8.54 0.33
C CYS B 480 -3.64 9.64 -0.18
N GLY B 481 -3.43 10.12 -1.40
CA GLY B 481 -4.32 11.16 -1.86
C GLY B 481 -5.72 10.59 -2.11
N THR B 482 -6.74 11.43 -1.96
CA THR B 482 -8.10 11.03 -2.26
C THR B 482 -8.96 12.22 -2.65
N VAL B 483 -10.05 11.92 -3.36
CA VAL B 483 -10.96 12.94 -3.83
C VAL B 483 -12.40 12.51 -3.62
N GLN B 484 -13.12 13.23 -2.76
CA GLN B 484 -14.53 12.91 -2.51
C GLN B 484 -15.42 14.02 -3.09
N LEU B 485 -16.54 13.58 -3.69
CA LEU B 485 -17.55 14.45 -4.29
C LEU B 485 -18.70 14.49 -3.29
N ASP B 486 -18.94 15.62 -2.66
CA ASP B 486 -19.97 15.68 -1.64
C ASP B 486 -21.16 16.58 -1.96
N PHE B 487 -22.34 15.99 -2.12
CA PHE B 487 -23.55 16.77 -2.42
C PHE B 487 -24.46 16.88 -1.21
N SER B 488 -24.08 16.30 -0.07
CA SER B 488 -24.97 16.32 1.10
C SER B 488 -24.59 17.13 2.31
N LEU B 489 -23.31 17.20 2.63
CA LEU B 489 -22.89 17.90 3.83
C LEU B 489 -23.01 19.42 3.90
N PRO B 490 -22.56 20.13 2.86
CA PRO B 490 -22.65 21.60 2.90
C PRO B 490 -24.05 22.10 3.17
N SER B 491 -25.00 21.25 2.84
CA SER B 491 -26.38 21.61 3.09
C SER B 491 -26.68 21.36 4.57
N ARG B 492 -26.23 20.23 5.12
CA ARG B 492 -26.49 19.95 6.54
C ARG B 492 -25.77 20.99 7.40
N LEU B 493 -24.68 21.54 6.87
CA LEU B 493 -23.97 22.55 7.60
C LEU B 493 -24.45 23.93 7.16
N SER B 494 -25.51 23.93 6.37
CA SER B 494 -26.12 25.15 5.85
C SER B 494 -25.19 26.19 5.30
N ALA B 495 -24.61 25.86 4.16
CA ALA B 495 -23.71 26.73 3.45
C ALA B 495 -24.45 27.11 2.14
N SER B 496 -24.30 28.35 1.67
CA SER B 496 -24.94 28.69 0.41
C SER B 496 -24.36 29.94 -0.26
N TYR B 497 -24.55 30.07 -1.56
CA TYR B 497 -24.12 31.28 -2.24
C TYR B 497 -25.38 31.82 -2.88
N VAL B 498 -25.22 32.95 -3.54
CA VAL B 498 -26.32 33.62 -4.24
C VAL B 498 -26.11 33.47 -5.74
N GLY B 499 -27.05 32.81 -6.41
CA GLY B 499 -26.96 32.62 -7.85
C GLY B 499 -27.40 33.85 -8.64
N GLU B 500 -27.26 33.81 -9.99
CA GLU B 500 -27.66 34.93 -10.87
C GLU B 500 -29.09 35.39 -10.63
N ASP B 501 -30.01 34.42 -10.56
CA ASP B 501 -31.41 34.69 -10.32
C ASP B 501 -31.68 35.26 -8.94
N ASN B 502 -30.62 35.62 -8.22
CA ASN B 502 -30.74 36.16 -6.87
C ASN B 502 -31.32 35.13 -5.89
N GLU B 503 -31.09 33.85 -6.20
CA GLU B 503 -31.54 32.74 -5.37
C GLU B 503 -30.39 32.11 -4.62
N ARG B 504 -30.71 31.45 -3.51
CA ARG B 504 -29.73 30.77 -2.66
C ARG B 504 -29.46 29.41 -3.27
N LYS B 505 -28.20 29.03 -3.34
CA LYS B 505 -27.87 27.71 -3.87
C LYS B 505 -26.89 27.07 -2.88
N VAL B 506 -26.96 25.75 -2.72
CA VAL B 506 -25.99 25.11 -1.84
C VAL B 506 -24.85 24.72 -2.74
N PRO B 507 -23.61 24.95 -2.30
CA PRO B 507 -22.49 24.59 -3.17
C PRO B 507 -22.18 23.11 -3.15
N VAL B 508 -21.48 22.69 -4.19
CA VAL B 508 -21.02 21.34 -4.33
C VAL B 508 -19.69 21.46 -3.63
N MET B 509 -19.36 20.50 -2.79
CA MET B 509 -18.09 20.55 -2.08
C MET B 509 -17.23 19.38 -2.51
N ILE B 510 -15.98 19.65 -2.81
CA ILE B 510 -15.05 18.57 -3.13
C ILE B 510 -14.03 18.49 -2.01
N HIS B 511 -13.91 17.31 -1.40
CA HIS B 511 -12.93 17.12 -0.33
C HIS B 511 -11.76 16.47 -1.03
N ARG B 512 -10.56 16.93 -0.75
CA ARG B 512 -9.39 16.36 -1.38
C ARG B 512 -8.10 16.53 -0.61
N ALA B 513 -7.33 15.45 -0.55
CA ALA B 513 -6.03 15.47 0.09
C ALA B 513 -5.04 14.89 -0.92
N ILE B 514 -3.87 15.51 -1.06
CA ILE B 514 -2.90 14.98 -2.01
C ILE B 514 -1.91 13.99 -1.39
N LEU B 515 -1.26 14.37 -0.30
CA LEU B 515 -0.32 13.47 0.35
C LEU B 515 -1.03 12.49 1.26
N GLY B 516 -2.17 12.90 1.83
CA GLY B 516 -2.91 12.06 2.74
C GLY B 516 -2.60 12.70 4.08
N SER B 517 -1.88 12.01 4.94
CA SER B 517 -1.50 12.64 6.19
C SER B 517 0.00 12.88 6.04
N MET B 518 0.55 13.95 6.61
CA MET B 518 1.97 14.20 6.50
C MET B 518 2.79 13.10 7.17
N GLU B 519 2.30 12.54 8.28
CA GLU B 519 3.07 11.50 8.90
C GLU B 519 3.13 10.27 7.99
N ARG B 520 1.99 9.80 7.50
CA ARG B 520 2.03 8.66 6.60
C ARG B 520 2.83 8.90 5.31
N PHE B 521 2.96 10.15 4.86
CA PHE B 521 3.70 10.31 3.62
C PHE B 521 5.19 10.17 3.93
N ILE B 522 5.60 10.76 5.05
CA ILE B 522 6.99 10.67 5.46
C ILE B 522 7.27 9.19 5.71
N GLY B 523 6.25 8.46 6.12
CA GLY B 523 6.43 7.05 6.36
C GLY B 523 6.88 6.43 5.06
N ILE B 524 6.10 6.74 4.03
CA ILE B 524 6.33 6.24 2.69
C ILE B 524 7.62 6.70 2.05
N LEU B 525 7.98 7.97 2.19
CA LEU B 525 9.22 8.47 1.57
C LEU B 525 10.43 7.80 2.17
N THR B 526 10.42 7.69 3.49
CA THR B 526 11.52 7.07 4.16
C THR B 526 11.78 5.68 3.58
N GLU B 527 10.73 4.88 3.39
CA GLU B 527 10.97 3.55 2.86
C GLU B 527 11.28 3.57 1.34
N GLU B 528 10.82 4.59 0.62
CA GLU B 528 11.08 4.65 -0.80
C GLU B 528 12.56 4.97 -1.01
N PHE B 529 13.08 5.92 -0.25
CA PHE B 529 14.47 6.31 -0.40
C PHE B 529 15.39 5.55 0.56
N ALA B 530 14.79 4.66 1.34
CA ALA B 530 15.55 3.89 2.29
C ALA B 530 16.40 4.82 3.16
N GLY B 531 15.85 5.96 3.57
CA GLY B 531 16.62 6.86 4.39
C GLY B 531 17.53 7.77 3.61
N PHE B 532 17.77 7.45 2.33
CA PHE B 532 18.64 8.31 1.50
C PHE B 532 17.82 9.47 0.92
N PHE B 533 17.45 10.40 1.79
CA PHE B 533 16.63 11.51 1.33
C PHE B 533 17.29 12.40 0.31
N PRO B 534 16.51 12.91 -0.64
CA PRO B 534 16.97 13.80 -1.71
C PRO B 534 17.40 15.13 -1.08
N THR B 535 18.58 15.58 -1.45
CA THR B 535 19.14 16.78 -0.87
C THR B 535 18.13 17.79 -0.29
N TRP B 536 17.06 18.10 -1.01
CA TRP B 536 16.12 19.09 -0.50
C TRP B 536 15.37 18.62 0.75
N LEU B 537 15.13 17.32 0.85
CA LEU B 537 14.45 16.78 2.03
C LEU B 537 15.40 16.38 3.15
N ALA B 538 16.68 16.23 2.83
CA ALA B 538 17.68 15.80 3.81
C ALA B 538 17.80 16.68 5.04
N PRO B 539 17.69 16.07 6.23
CA PRO B 539 17.81 16.79 7.51
C PRO B 539 19.06 17.67 7.50
N VAL B 540 20.23 17.04 7.30
CA VAL B 540 21.50 17.76 7.17
C VAL B 540 21.98 17.54 5.73
N GLN B 541 22.27 18.63 5.02
CA GLN B 541 22.68 18.54 3.63
C GLN B 541 24.18 18.42 3.41
N VAL B 542 24.93 19.10 4.27
CA VAL B 542 26.36 19.11 4.12
C VAL B 542 27.10 19.04 5.43
N VAL B 543 28.11 18.19 5.49
CA VAL B 543 28.96 18.14 6.69
C VAL B 543 30.35 18.55 6.21
N ILE B 544 30.92 19.55 6.88
CA ILE B 544 32.24 20.01 6.52
C ILE B 544 33.21 19.64 7.63
N MET B 545 34.18 18.77 7.33
CA MET B 545 35.16 18.38 8.37
C MET B 545 36.58 18.85 8.11
N ASN B 546 37.33 18.94 9.22
CA ASN B 546 38.73 19.33 9.19
C ASN B 546 39.52 18.06 9.49
N ILE B 547 40.83 18.09 9.32
CA ILE B 547 41.60 16.89 9.61
C ILE B 547 42.36 17.08 10.92
N THR B 548 42.70 18.33 11.23
CA THR B 548 43.41 18.70 12.46
C THR B 548 43.07 20.16 12.80
N ASP B 549 43.27 20.54 14.06
CA ASP B 549 42.99 21.92 14.51
C ASP B 549 43.30 22.94 13.45
N SER B 550 44.41 22.68 12.77
CA SER B 550 44.88 23.54 11.72
C SER B 550 43.71 24.09 10.90
N GLN B 551 43.06 23.23 10.12
CA GLN B 551 41.96 23.67 9.27
C GLN B 551 40.70 24.21 9.96
N SER B 552 40.49 23.86 11.22
CA SER B 552 39.27 24.28 11.91
C SER B 552 38.79 25.71 11.68
N GLU B 553 39.58 26.72 11.99
CA GLU B 553 39.15 28.09 11.79
C GLU B 553 38.72 28.39 10.35
N TYR B 554 39.21 27.59 9.41
CA TYR B 554 38.85 27.75 8.00
C TYR B 554 37.49 27.09 7.78
N VAL B 555 37.34 25.91 8.35
CA VAL B 555 36.12 25.12 8.29
C VAL B 555 34.91 25.90 8.84
N ASN B 556 35.11 26.63 9.92
CA ASN B 556 34.02 27.38 10.48
C ASN B 556 33.55 28.46 9.54
N GLU B 557 34.45 29.35 9.12
CA GLU B 557 33.98 30.38 8.22
C GLU B 557 33.53 29.77 6.91
N LEU B 558 33.95 28.54 6.65
CA LEU B 558 33.54 27.89 5.42
C LEU B 558 32.07 27.48 5.61
N THR B 559 31.78 26.80 6.72
CA THR B 559 30.41 26.36 6.99
C THR B 559 29.46 27.56 7.19
N GLN B 560 29.97 28.62 7.79
CA GLN B 560 29.17 29.80 8.00
C GLN B 560 28.73 30.31 6.64
N LYS B 561 29.69 30.34 5.71
CA LYS B 561 29.43 30.79 4.35
C LYS B 561 28.29 29.97 3.73
N LEU B 562 28.26 28.67 3.99
CA LEU B 562 27.21 27.80 3.45
C LEU B 562 25.84 28.04 4.10
N SER B 563 25.85 28.41 5.38
CA SER B 563 24.63 28.67 6.11
C SER B 563 23.96 29.92 5.57
N ASN B 564 24.73 31.00 5.41
CA ASN B 564 24.20 32.25 4.90
C ASN B 564 23.71 32.04 3.48
N ALA B 565 24.06 30.89 2.90
CA ALA B 565 23.67 30.57 1.53
C ALA B 565 22.42 29.72 1.49
N GLY B 566 21.89 29.42 2.69
CA GLY B 566 20.69 28.61 2.79
C GLY B 566 20.87 27.12 2.70
N ILE B 567 21.99 26.61 3.21
CA ILE B 567 22.18 25.18 3.17
C ILE B 567 22.33 24.67 4.56
N ARG B 568 21.57 23.63 4.86
CA ARG B 568 21.59 22.99 6.15
C ARG B 568 22.95 22.30 6.23
N VAL B 569 23.88 22.92 6.94
CA VAL B 569 25.23 22.39 7.04
C VAL B 569 25.83 22.43 8.43
N LYS B 570 26.33 21.29 8.90
CA LYS B 570 26.92 21.28 10.22
C LYS B 570 28.44 20.99 10.09
N ALA B 571 29.22 21.56 11.00
CA ALA B 571 30.67 21.39 10.94
C ALA B 571 31.24 20.38 11.89
N ASP B 572 31.85 19.31 11.38
CA ASP B 572 32.45 18.31 12.28
C ASP B 572 33.91 18.59 12.62
N LEU B 573 34.17 19.15 13.79
CA LEU B 573 35.53 19.44 14.18
C LEU B 573 36.02 18.50 15.28
N ARG B 574 35.40 17.34 15.42
CA ARG B 574 35.85 16.46 16.48
C ARG B 574 37.28 16.02 16.18
N ASN B 575 38.04 15.82 17.25
CA ASN B 575 39.42 15.37 17.16
C ASN B 575 39.33 13.86 16.96
N GLU B 576 39.15 13.45 15.70
CA GLU B 576 39.06 12.03 15.39
C GLU B 576 39.58 11.85 13.98
N LYS B 577 39.74 10.59 13.59
CA LYS B 577 40.22 10.26 12.25
C LYS B 577 39.21 10.63 11.16
N ILE B 578 39.67 11.37 10.15
CA ILE B 578 38.79 11.75 9.04
C ILE B 578 37.99 10.53 8.57
N GLY B 579 38.53 9.34 8.80
CA GLY B 579 37.84 8.13 8.38
C GLY B 579 36.69 7.78 9.32
N PHE B 580 36.89 8.06 10.61
CA PHE B 580 35.88 7.81 11.62
C PHE B 580 34.69 8.70 11.30
N LYS B 581 34.99 9.95 10.97
CA LYS B 581 33.96 10.92 10.62
C LYS B 581 33.20 10.45 9.37
N ILE B 582 33.91 10.33 8.25
CA ILE B 582 33.27 9.94 6.99
C ILE B 582 32.32 8.76 7.17
N ARG B 583 32.74 7.78 7.95
CA ARG B 583 31.87 6.64 8.18
C ARG B 583 30.57 7.14 8.83
N GLU B 584 30.70 7.85 9.93
CA GLU B 584 29.54 8.35 10.67
C GLU B 584 28.51 9.02 9.80
N HIS B 585 28.91 10.11 9.16
CA HIS B 585 28.00 10.85 8.33
C HIS B 585 27.47 10.14 7.11
N THR B 586 28.24 9.19 6.59
CA THR B 586 27.75 8.46 5.42
C THR B 586 26.66 7.52 5.93
N LEU B 587 26.86 7.03 7.14
CA LEU B 587 25.90 6.11 7.73
C LEU B 587 24.63 6.88 8.03
N ARG B 588 24.83 8.10 8.51
CA ARG B 588 23.78 9.02 8.89
C ARG B 588 23.09 9.58 7.63
N ARG B 589 23.56 9.14 6.47
CA ARG B 589 23.00 9.52 5.18
C ARG B 589 23.10 10.98 4.73
N VAL B 590 24.10 11.70 5.20
CA VAL B 590 24.28 13.08 4.80
C VAL B 590 24.64 13.08 3.31
N PRO B 591 24.02 13.96 2.51
CA PRO B 591 24.30 14.00 1.07
C PRO B 591 25.74 14.33 0.63
N TYR B 592 26.28 15.42 1.15
CA TYR B 592 27.61 15.85 0.76
C TYR B 592 28.52 16.09 1.95
N MET B 593 29.75 15.63 1.83
CA MET B 593 30.71 15.79 2.91
C MET B 593 31.90 16.58 2.39
N LEU B 594 32.15 17.73 3.00
CA LEU B 594 33.28 18.54 2.60
C LEU B 594 34.45 18.32 3.54
N VAL B 595 35.57 17.98 2.94
CA VAL B 595 36.79 17.71 3.69
C VAL B 595 37.76 18.88 3.56
N CYS B 596 38.52 19.12 4.62
CA CYS B 596 39.47 20.21 4.60
C CYS B 596 40.81 19.88 5.24
N GLY B 597 41.77 19.53 4.39
CA GLY B 597 43.12 19.25 4.85
C GLY B 597 43.89 20.52 4.57
N ASP B 598 45.15 20.62 5.00
CA ASP B 598 45.91 21.84 4.76
C ASP B 598 45.91 22.17 3.28
N LYS B 599 45.97 21.11 2.46
CA LYS B 599 46.00 21.24 1.01
C LYS B 599 44.85 22.06 0.45
N GLU B 600 43.84 22.33 1.29
CA GLU B 600 42.68 23.11 0.89
C GLU B 600 42.67 24.44 1.59
N VAL B 601 42.97 24.42 2.90
CA VAL B 601 42.99 25.61 3.73
C VAL B 601 43.28 26.85 2.91
N GLU B 602 44.49 27.38 2.99
CA GLU B 602 44.78 28.51 2.13
C GLU B 602 45.27 27.90 0.81
N SER B 603 44.29 27.47 0.04
CA SER B 603 44.45 26.83 -1.26
C SER B 603 43.11 27.10 -1.93
N GLY B 604 42.19 27.68 -1.16
CA GLY B 604 40.86 28.02 -1.62
C GLY B 604 39.76 26.96 -1.61
N LYS B 605 39.94 25.95 -2.46
CA LYS B 605 39.01 24.83 -2.65
C LYS B 605 38.57 24.03 -1.43
N VAL B 606 37.76 23.00 -1.69
CA VAL B 606 37.23 22.08 -0.69
C VAL B 606 37.05 20.71 -1.33
N ALA B 607 37.39 19.66 -0.59
CA ALA B 607 37.31 18.29 -1.11
C ALA B 607 35.94 17.61 -1.00
N VAL B 608 35.17 17.71 -2.08
CA VAL B 608 33.82 17.17 -2.19
C VAL B 608 33.66 15.67 -2.44
N ARG B 609 32.76 15.04 -1.69
CA ARG B 609 32.47 13.63 -1.88
C ARG B 609 31.00 13.33 -1.53
N THR B 610 30.38 12.44 -2.31
CA THR B 610 28.99 12.02 -2.16
C THR B 610 28.80 11.01 -1.01
N ARG B 611 27.56 10.68 -0.69
CA ARG B 611 27.28 9.70 0.36
C ARG B 611 27.18 8.31 -0.27
N ARG B 612 27.11 8.28 -1.60
CA ARG B 612 27.05 7.01 -2.32
C ARG B 612 28.47 6.46 -2.28
N GLY B 613 29.41 7.37 -2.04
CA GLY B 613 30.81 7.02 -2.04
C GLY B 613 31.17 7.45 -3.44
N LYS B 614 31.97 8.49 -3.58
CA LYS B 614 32.33 8.95 -4.91
C LYS B 614 33.03 10.28 -4.76
N ASP B 615 34.35 10.24 -4.66
CA ASP B 615 35.10 11.48 -4.53
C ASP B 615 34.88 12.27 -5.81
N LEU B 616 34.39 13.50 -5.66
CA LEU B 616 34.15 14.38 -6.81
C LEU B 616 35.36 15.29 -6.95
N GLY B 617 36.36 15.03 -6.10
CA GLY B 617 37.58 15.80 -6.13
C GLY B 617 37.40 17.24 -5.70
N SER B 618 38.49 17.86 -5.26
CA SER B 618 38.47 19.24 -4.80
C SER B 618 37.86 20.20 -5.82
N MET B 619 36.93 21.03 -5.36
CA MET B 619 36.31 22.03 -6.20
C MET B 619 36.11 23.37 -5.50
N ASP B 620 35.82 24.38 -6.31
CA ASP B 620 35.61 25.79 -5.93
C ASP B 620 34.45 26.03 -4.97
N VAL B 621 34.69 26.70 -3.86
CA VAL B 621 33.61 26.96 -2.91
C VAL B 621 32.36 27.52 -3.56
N ASN B 622 32.45 28.75 -4.05
CA ASN B 622 31.31 29.39 -4.70
C ASN B 622 30.64 28.51 -5.74
N GLU B 623 31.33 27.49 -6.20
CA GLU B 623 30.75 26.62 -7.20
C GLU B 623 29.86 25.54 -6.59
N VAL B 624 30.33 24.94 -5.50
CA VAL B 624 29.54 23.90 -4.86
C VAL B 624 28.28 24.56 -4.34
N ILE B 625 28.36 25.84 -4.00
CA ILE B 625 27.17 26.52 -3.52
C ILE B 625 26.15 26.67 -4.63
N GLU B 626 26.53 27.27 -5.75
CA GLU B 626 25.59 27.40 -6.86
C GLU B 626 25.03 26.02 -7.16
N LYS B 627 25.91 25.03 -7.27
CA LYS B 627 25.49 23.67 -7.60
C LYS B 627 24.45 23.06 -6.66
N LEU B 628 24.56 23.32 -5.36
CA LEU B 628 23.61 22.78 -4.40
C LEU B 628 22.31 23.56 -4.47
N GLN B 629 22.39 24.87 -4.29
CA GLN B 629 21.19 25.73 -4.37
C GLN B 629 20.35 25.38 -5.59
N GLN B 630 20.99 24.76 -6.59
CA GLN B 630 20.30 24.38 -7.80
C GLN B 630 19.61 23.04 -7.61
N GLU B 631 20.36 22.07 -7.08
CA GLU B 631 19.83 20.74 -6.83
C GLU B 631 18.58 20.89 -5.96
N ILE B 632 18.73 21.72 -4.95
CA ILE B 632 17.69 22.01 -4.01
C ILE B 632 16.51 22.68 -4.69
N ARG B 633 16.70 23.90 -5.16
CA ARG B 633 15.68 24.69 -5.83
C ARG B 633 14.78 23.87 -6.76
N SER B 634 15.34 22.82 -7.37
CA SER B 634 14.58 21.98 -8.29
C SER B 634 14.12 20.68 -7.70
N ARG B 635 14.36 20.52 -6.39
CA ARG B 635 14.00 19.32 -5.66
C ARG B 635 14.32 18.03 -6.42
N SER B 636 15.53 17.96 -6.98
CA SER B 636 15.96 16.80 -7.75
C SER B 636 16.29 15.54 -6.95
N LEU B 637 15.97 14.40 -7.56
CA LEU B 637 16.17 13.11 -6.94
C LEU B 637 17.61 12.65 -6.90
N LYS B 638 18.39 13.03 -7.91
CA LYS B 638 19.79 12.60 -7.91
C LYS B 638 20.72 13.75 -7.54
N GLN B 639 21.93 13.38 -7.10
CA GLN B 639 22.94 14.35 -6.66
C GLN B 639 23.94 14.78 -7.73
N LEU B 640 24.86 15.64 -7.32
CA LEU B 640 25.90 16.19 -8.18
C LEU B 640 26.70 15.16 -8.98
N GLU B 641 26.82 15.42 -10.28
CA GLU B 641 27.55 14.57 -11.23
C GLU B 641 27.12 13.11 -11.27
N GLU B 642 25.84 12.83 -11.19
CA GLU B 642 25.38 11.43 -11.24
C GLU B 642 24.07 11.36 -12.02
ZN ZN C . -13.11 16.82 4.00
P AMP D . -9.82 10.43 5.40
O1P AMP D . -10.30 9.48 6.45
O2P AMP D . -10.26 10.26 4.00
O3P AMP D . -10.16 11.89 5.90
O5' AMP D . -8.23 10.39 5.35
C5' AMP D . -7.50 11.16 4.38
C4' AMP D . -6.08 10.65 4.28
O4' AMP D . -5.35 10.87 5.52
C3' AMP D . -5.97 9.16 4.04
O3' AMP D . -6.18 8.95 2.66
C2' AMP D . -4.58 8.84 4.57
O2' AMP D . -3.56 9.27 3.70
C1' AMP D . -4.52 9.75 5.80
N9 AMP D . -4.98 9.11 7.05
C8 AMP D . -6.24 8.71 7.40
N7 AMP D . -6.31 8.16 8.59
C5 AMP D . -5.00 8.20 9.04
C6 AMP D . -4.39 7.77 10.24
N6 AMP D . -5.04 7.20 11.25
N1 AMP D . -3.08 7.95 10.38
C2 AMP D . -2.42 8.55 9.38
N3 AMP D . -2.86 8.99 8.22
C4 AMP D . -4.18 8.78 8.11
#